data_7EMC
#
_entry.id   7EMC
#
_cell.length_a   41.534
_cell.length_b   110.632
_cell.length_c   136.228
_cell.angle_alpha   90.000
_cell.angle_beta   95.422
_cell.angle_gamma   90.000
#
_symmetry.space_group_name_H-M   'P 1 21 1'
#
loop_
_entity.id
_entity.type
_entity.pdbx_description
1 polymer 'Leucocyte antigen'
2 polymer Beta-2-microglobulin
3 polymer ALA-THR-GLU-ILE-ARG-GLU-LEU-LEU-VAL
4 water water
#
loop_
_entity_poly.entity_id
_entity_poly.type
_entity_poly.pdbx_seq_one_letter_code
_entity_poly.pdbx_strand_id
1 'polypeptide(L)'
;GPHSLSYFYTAVSRPDRGDSRFIAVGYVDDTQFVRFDSDAPNPRMEPRAPWIQQEGQDYWDRETRKQRDTSQTYRVGLKN
LRGYYNQSEAGSHTYQSMYGCYLGPDGLLLRGYRQYAYDGADYIALNEDLRSWTAADTAAQITKRKWETANVAERRRSYL
QGLCVESLREYLEMGKDTLQRAEPPKTHVTRHPSSDLGVTLRCWALGFYPKEISLTWQREGQDQSQDMELVETRPSGDGT
FQKWAALVVPPGEEQSYTCHVQHEGLQEPLTLRWD
;
A,D,G
2 'polypeptide(L)'
;EFVARPPKVQVYSRHPAENGKPNYLNCYVSGFHPPQIEIDLLKNGEKMNAEQSDLSFSKDWSFYLLVHTEFTPNAVDQYS
CRVKHVTLDKPKIVKWDRDH
;
B,E,H
3 'polypeptide(L)' ATEIRELLV C,F,I
#
# COMPACT_ATOMS: atom_id res chain seq x y z
N GLY A 1 1.09 -15.33 8.91
CA GLY A 1 0.81 -16.37 7.94
C GLY A 1 1.90 -16.62 6.92
N PRO A 2 1.49 -17.02 5.71
CA PRO A 2 2.47 -17.38 4.67
C PRO A 2 3.15 -16.16 4.07
N HIS A 3 4.45 -16.31 3.77
CA HIS A 3 5.17 -15.24 3.11
C HIS A 3 4.70 -15.07 1.67
N SER A 4 4.97 -13.90 1.10
CA SER A 4 4.50 -13.62 -0.26
C SER A 4 5.45 -12.66 -0.95
N LEU A 5 5.50 -12.79 -2.27
CA LEU A 5 6.13 -11.82 -3.16
C LEU A 5 5.06 -11.25 -4.08
N SER A 6 4.93 -9.93 -4.13
CA SER A 6 3.85 -9.33 -4.91
C SER A 6 4.35 -8.13 -5.71
N TYR A 7 3.85 -7.99 -6.94
CA TYR A 7 4.16 -6.83 -7.78
C TYR A 7 2.87 -6.09 -8.14
N PHE A 8 2.98 -4.77 -8.26
CA PHE A 8 1.84 -3.89 -8.48
C PHE A 8 2.21 -2.92 -9.59
N TYR A 9 1.48 -2.98 -10.71
CA TYR A 9 1.74 -2.18 -11.89
C TYR A 9 0.62 -1.16 -12.03
N THR A 10 0.98 0.11 -12.25
CA THR A 10 0.01 1.18 -12.55
C THR A 10 0.46 1.87 -13.81
N ALA A 11 -0.39 1.88 -14.83
CA ALA A 11 -0.15 2.63 -16.05
C ALA A 11 -1.25 3.67 -16.22
N VAL A 12 -0.87 4.88 -16.59
CA VAL A 12 -1.81 6.00 -16.70
C VAL A 12 -1.55 6.69 -18.03
N SER A 13 -2.61 6.98 -18.79
CA SER A 13 -2.40 7.71 -20.03
C SER A 13 -2.39 9.22 -19.75
N ARG A 14 -1.64 9.94 -20.59
CA ARG A 14 -1.45 11.40 -20.45
C ARG A 14 -1.60 12.02 -21.83
N PRO A 15 -2.83 12.22 -22.30
CA PRO A 15 -3.04 12.69 -23.67
C PRO A 15 -2.41 14.05 -23.94
N ASP A 16 -2.38 14.93 -22.94
CA ASP A 16 -1.79 16.25 -23.07
C ASP A 16 -0.32 16.16 -23.48
N ARG A 17 0.40 15.16 -22.96
CA ARG A 17 1.80 14.99 -23.28
C ARG A 17 2.02 13.94 -24.36
N GLY A 18 0.96 13.27 -24.79
CA GLY A 18 1.09 12.31 -25.87
C GLY A 18 1.76 11.02 -25.48
N ASP A 19 1.76 10.67 -24.20
CA ASP A 19 2.41 9.43 -23.77
C ASP A 19 1.66 8.79 -22.61
N SER A 20 2.39 8.02 -21.81
CA SER A 20 1.83 7.37 -20.64
C SER A 20 2.93 7.26 -19.59
N ARG A 21 2.54 6.89 -18.37
CA ARG A 21 3.46 6.66 -17.27
C ARG A 21 3.17 5.31 -16.65
N PHE A 22 4.23 4.52 -16.45
CA PHE A 22 4.13 3.18 -15.87
C PHE A 22 4.99 3.15 -14.63
N ILE A 23 4.39 2.77 -13.50
CA ILE A 23 5.05 2.64 -12.21
C ILE A 23 4.81 1.23 -11.69
N ALA A 24 5.89 0.56 -11.29
CA ALA A 24 5.83 -0.76 -10.67
C ALA A 24 6.48 -0.71 -9.30
N VAL A 25 5.89 -1.43 -8.34
CA VAL A 25 6.50 -1.61 -7.04
C VAL A 25 6.42 -3.10 -6.69
N GLY A 26 7.41 -3.57 -5.95
CA GLY A 26 7.44 -4.97 -5.49
C GLY A 26 7.55 -5.02 -3.98
N TYR A 27 6.86 -6.00 -3.39
CA TYR A 27 6.84 -6.23 -1.96
C TYR A 27 7.20 -7.68 -1.68
N VAL A 28 7.93 -7.90 -0.59
CA VAL A 28 7.95 -9.19 0.10
C VAL A 28 7.19 -8.96 1.39
N ASP A 29 6.12 -9.74 1.60
CA ASP A 29 5.23 -9.50 2.74
C ASP A 29 4.83 -8.04 2.77
N ASP A 30 5.06 -7.34 3.88
CA ASP A 30 4.69 -5.93 4.01
C ASP A 30 5.85 -4.97 3.76
N THR A 31 6.92 -5.42 3.09
CA THR A 31 8.12 -4.61 2.91
C THR A 31 8.31 -4.32 1.43
N GLN A 32 8.22 -3.04 1.04
CA GLN A 32 8.56 -2.71 -0.34
C GLN A 32 10.06 -2.86 -0.55
N PHE A 33 10.45 -3.43 -1.69
CA PHE A 33 11.87 -3.64 -1.93
C PHE A 33 12.37 -3.20 -3.31
N VAL A 34 11.50 -2.95 -4.30
CA VAL A 34 11.94 -2.40 -5.58
C VAL A 34 10.90 -1.43 -6.12
N ARG A 35 11.34 -0.60 -7.07
CA ARG A 35 10.43 0.24 -7.84
C ARG A 35 10.98 0.46 -9.25
N PHE A 36 10.07 0.81 -10.14
CA PHE A 36 10.40 1.23 -11.50
C PHE A 36 9.41 2.32 -11.88
N ASP A 37 9.91 3.37 -12.52
CA ASP A 37 9.09 4.52 -12.89
C ASP A 37 9.50 4.94 -14.29
N SER A 38 8.60 4.73 -15.26
CA SER A 38 8.93 5.07 -16.65
C SER A 38 9.27 6.55 -16.83
N ASP A 39 8.87 7.42 -15.90
CA ASP A 39 9.16 8.84 -16.01
C ASP A 39 10.59 9.18 -15.61
N ALA A 40 11.26 8.30 -14.87
CA ALA A 40 12.64 8.54 -14.49
C ALA A 40 13.54 8.60 -15.73
N PRO A 41 14.52 9.51 -15.76
CA PRO A 41 15.45 9.51 -16.91
C PRO A 41 16.28 8.23 -16.91
N ASN A 42 16.38 7.60 -18.08
CA ASN A 42 17.03 6.31 -18.23
C ASN A 42 16.52 5.36 -17.17
N PRO A 43 15.22 5.02 -17.20
CA PRO A 43 14.59 4.38 -16.05
C PRO A 43 15.12 2.97 -15.82
N ARG A 44 15.39 2.67 -14.55
CA ARG A 44 15.85 1.36 -14.13
C ARG A 44 14.99 0.83 -12.99
N MET A 45 14.97 -0.49 -12.82
CA MET A 45 14.52 -1.04 -11.55
C MET A 45 15.50 -0.62 -10.46
N GLU A 46 14.98 -0.08 -9.36
CA GLU A 46 15.77 0.50 -8.29
C GLU A 46 15.48 -0.15 -6.95
N PRO A 47 16.50 -0.32 -6.10
CA PRO A 47 16.28 -0.90 -4.76
C PRO A 47 15.55 0.08 -3.84
N ARG A 48 14.66 -0.47 -3.02
CA ARG A 48 13.95 0.33 -2.03
C ARG A 48 14.01 -0.31 -0.64
N ALA A 49 14.81 -1.36 -0.48
CA ALA A 49 15.15 -1.93 0.82
C ALA A 49 16.63 -2.27 0.82
N PRO A 50 17.30 -2.17 1.97
CA PRO A 50 18.76 -2.41 1.99
C PRO A 50 19.17 -3.79 1.52
N TRP A 51 18.42 -4.83 1.88
CA TRP A 51 18.89 -6.18 1.64
C TRP A 51 18.90 -6.55 0.16
N ILE A 52 18.05 -5.91 -0.67
CA ILE A 52 18.07 -6.22 -2.10
C ILE A 52 19.29 -5.66 -2.81
N GLN A 53 20.00 -4.73 -2.18
CA GLN A 53 21.14 -4.11 -2.83
C GLN A 53 22.28 -5.08 -3.04
N GLN A 54 22.28 -6.22 -2.36
CA GLN A 54 23.34 -7.19 -2.65
C GLN A 54 23.16 -7.89 -3.99
N GLU A 55 22.00 -7.76 -4.64
CA GLU A 55 21.87 -8.29 -6.00
C GLU A 55 22.87 -7.60 -6.92
N GLY A 56 23.51 -8.38 -7.79
CA GLY A 56 24.51 -7.85 -8.69
C GLY A 56 23.93 -7.17 -9.91
N GLN A 57 24.84 -6.63 -10.74
CA GLN A 57 24.41 -5.83 -11.87
C GLN A 57 23.54 -6.61 -12.86
N ASP A 58 23.77 -7.93 -12.98
CA ASP A 58 22.96 -8.72 -13.91
C ASP A 58 21.49 -8.73 -13.48
N TYR A 59 21.23 -8.80 -12.19
CA TYR A 59 19.85 -8.78 -11.70
C TYR A 59 19.18 -7.45 -12.05
N TRP A 60 19.84 -6.32 -11.75
CA TRP A 60 19.25 -5.01 -12.03
C TRP A 60 19.10 -4.79 -13.54
N ASP A 61 20.04 -5.29 -14.34
CA ASP A 61 19.91 -5.18 -15.79
C ASP A 61 18.70 -5.96 -16.29
N ARG A 62 18.57 -7.22 -15.84
CA ARG A 62 17.44 -8.05 -16.24
C ARG A 62 16.11 -7.43 -15.80
N GLU A 63 16.02 -6.99 -14.54
CA GLU A 63 14.77 -6.42 -14.06
C GLU A 63 14.44 -5.15 -14.83
N THR A 64 15.46 -4.34 -15.12
CA THR A 64 15.25 -3.11 -15.89
C THR A 64 14.71 -3.44 -17.28
N ARG A 65 15.32 -4.40 -17.96
CA ARG A 65 14.86 -4.79 -19.29
C ARG A 65 13.42 -5.27 -19.28
N LYS A 66 13.04 -6.10 -18.30
CA LYS A 66 11.64 -6.55 -18.25
C LYS A 66 10.69 -5.39 -18.01
N GLN A 67 11.03 -4.48 -17.09
CA GLN A 67 10.12 -3.37 -16.80
C GLN A 67 10.01 -2.40 -17.97
N ARG A 68 11.12 -2.13 -18.67
CA ARG A 68 11.05 -1.30 -19.86
C ARG A 68 10.11 -1.92 -20.90
N ASP A 69 10.29 -3.21 -21.19
CA ASP A 69 9.39 -3.88 -22.13
C ASP A 69 7.94 -3.83 -21.63
N THR A 70 7.72 -4.11 -20.34
CA THR A 70 6.36 -4.12 -19.81
C THR A 70 5.75 -2.72 -19.89
N SER A 71 6.53 -1.69 -19.55
CA SER A 71 6.06 -0.31 -19.69
C SER A 71 5.53 -0.04 -21.10
N GLN A 72 6.25 -0.49 -22.12
CA GLN A 72 5.81 -0.28 -23.50
C GLN A 72 4.52 -1.05 -23.79
N THR A 73 4.41 -2.28 -23.30
CA THR A 73 3.18 -3.06 -23.52
C THR A 73 1.98 -2.39 -22.86
N TYR A 74 2.17 -1.83 -21.67
CA TYR A 74 1.04 -1.17 -21.01
C TYR A 74 0.72 0.16 -21.67
N ARG A 75 1.71 0.81 -22.29
CA ARG A 75 1.44 2.03 -23.06
C ARG A 75 0.53 1.73 -24.23
N VAL A 76 0.90 0.76 -25.06
CA VAL A 76 0.04 0.38 -26.18
C VAL A 76 -1.29 -0.14 -25.65
N GLY A 77 -1.26 -0.94 -24.58
CA GLY A 77 -2.50 -1.47 -24.03
C GLY A 77 -3.51 -0.39 -23.66
N LEU A 78 -3.06 0.73 -23.08
CA LEU A 78 -3.98 1.82 -22.77
C LEU A 78 -4.68 2.33 -24.02
N LYS A 79 -3.97 2.35 -25.15
CA LYS A 79 -4.59 2.77 -26.40
C LYS A 79 -5.65 1.76 -26.85
N ASN A 80 -5.33 0.46 -26.77
CA ASN A 80 -6.31 -0.57 -27.11
C ASN A 80 -7.55 -0.45 -26.25
N LEU A 81 -7.36 -0.24 -24.95
CA LEU A 81 -8.48 -0.17 -24.03
C LEU A 81 -9.38 1.05 -24.32
N ARG A 82 -8.78 2.19 -24.63
CA ARG A 82 -9.62 3.33 -25.00
C ARG A 82 -10.50 2.98 -26.19
N GLY A 83 -9.93 2.31 -27.19
CA GLY A 83 -10.71 1.87 -28.33
C GLY A 83 -11.81 0.89 -27.96
N TYR A 84 -11.50 -0.08 -27.08
CA TYR A 84 -12.50 -1.08 -26.68
C TYR A 84 -13.74 -0.41 -26.10
N TYR A 85 -13.55 0.68 -25.37
CA TYR A 85 -14.63 1.34 -24.70
C TYR A 85 -15.11 2.59 -25.44
N ASN A 86 -14.57 2.84 -26.64
CA ASN A 86 -14.88 4.03 -27.42
C ASN A 86 -14.88 5.29 -26.55
N GLN A 87 -13.80 5.44 -25.78
CA GLN A 87 -13.63 6.62 -24.95
C GLN A 87 -12.92 7.71 -25.74
N SER A 88 -13.14 8.96 -25.31
CA SER A 88 -12.50 10.09 -25.97
C SER A 88 -10.99 10.03 -25.79
N GLU A 89 -10.29 10.61 -26.77
CA GLU A 89 -8.83 10.63 -26.74
C GLU A 89 -8.27 11.62 -25.72
N ALA A 90 -9.11 12.50 -25.17
CA ALA A 90 -8.65 13.54 -24.26
C ALA A 90 -8.60 13.10 -22.80
N GLY A 91 -9.38 12.08 -22.40
CA GLY A 91 -9.39 11.67 -21.00
C GLY A 91 -8.19 10.80 -20.63
N SER A 92 -7.78 10.91 -19.36
CA SER A 92 -6.79 9.99 -18.78
C SER A 92 -7.49 8.76 -18.24
N HIS A 93 -6.88 7.59 -18.44
CA HIS A 93 -7.39 6.35 -17.89
C HIS A 93 -6.23 5.59 -17.24
N THR A 94 -6.60 4.58 -16.44
CA THR A 94 -5.68 3.84 -15.58
C THR A 94 -5.81 2.35 -15.84
N TYR A 95 -4.69 1.69 -16.10
CA TYR A 95 -4.63 0.25 -16.31
C TYR A 95 -3.72 -0.33 -15.23
N GLN A 96 -4.27 -1.22 -14.39
CA GLN A 96 -3.51 -1.79 -13.30
C GLN A 96 -3.41 -3.30 -13.43
N SER A 97 -2.29 -3.86 -12.96
CA SER A 97 -2.18 -5.30 -12.75
C SER A 97 -1.51 -5.54 -11.41
N MET A 98 -1.91 -6.62 -10.74
CA MET A 98 -1.17 -7.12 -9.60
C MET A 98 -1.05 -8.63 -9.72
N TYR A 99 0.09 -9.15 -9.28
CA TYR A 99 0.34 -10.59 -9.35
C TYR A 99 1.34 -10.95 -8.27
N GLY A 100 1.36 -12.23 -7.90
CA GLY A 100 2.18 -12.59 -6.76
C GLY A 100 1.99 -14.05 -6.41
N CYS A 101 2.78 -14.47 -5.44
CA CYS A 101 2.75 -15.86 -5.00
C CYS A 101 2.88 -15.91 -3.49
N TYR A 102 2.15 -16.84 -2.87
CA TYR A 102 2.30 -17.12 -1.45
C TYR A 102 3.05 -18.42 -1.29
N LEU A 103 3.90 -18.49 -0.28
CA LEU A 103 4.78 -19.63 -0.07
C LEU A 103 4.12 -20.61 0.90
N GLY A 104 3.91 -21.85 0.44
CA GLY A 104 3.31 -22.87 1.28
C GLY A 104 4.30 -23.42 2.28
N PRO A 105 3.77 -24.15 3.27
CA PRO A 105 4.65 -24.70 4.32
C PRO A 105 5.60 -25.76 3.79
N ASP A 106 5.34 -26.30 2.61
CA ASP A 106 6.20 -27.28 1.96
C ASP A 106 7.16 -26.64 0.96
N GLY A 107 7.21 -25.31 0.89
CA GLY A 107 8.06 -24.64 -0.07
C GLY A 107 7.49 -24.54 -1.47
N LEU A 108 6.26 -25.01 -1.70
CA LEU A 108 5.61 -24.90 -3.00
C LEU A 108 4.67 -23.69 -3.02
N LEU A 109 4.23 -23.33 -4.23
CA LEU A 109 3.22 -22.30 -4.39
C LEU A 109 1.97 -22.65 -3.59
N LEU A 110 1.63 -21.79 -2.63
CA LEU A 110 0.39 -21.98 -1.88
C LEU A 110 -0.79 -21.44 -2.68
N ARG A 111 -0.67 -20.20 -3.15
CA ARG A 111 -1.67 -19.60 -4.00
C ARG A 111 -0.94 -18.60 -4.89
N GLY A 112 -1.24 -18.62 -6.18
CA GLY A 112 -0.71 -17.64 -7.10
C GLY A 112 -1.85 -16.81 -7.62
N TYR A 113 -1.59 -15.58 -8.06
CA TYR A 113 -2.68 -14.76 -8.59
C TYR A 113 -2.14 -13.80 -9.62
N ARG A 114 -3.02 -13.41 -10.54
CA ARG A 114 -2.73 -12.40 -11.56
C ARG A 114 -4.07 -11.78 -11.94
N GLN A 115 -4.19 -10.47 -11.75
CA GLN A 115 -5.46 -9.76 -11.99
C GLN A 115 -5.17 -8.43 -12.64
N TYR A 116 -6.17 -7.90 -13.34
CA TYR A 116 -6.08 -6.60 -14.01
C TYR A 116 -7.34 -5.79 -13.74
N ALA A 117 -7.18 -4.46 -13.76
CA ALA A 117 -8.27 -3.51 -13.61
C ALA A 117 -8.13 -2.41 -14.64
N TYR A 118 -9.27 -1.84 -15.05
CA TYR A 118 -9.28 -0.68 -15.91
C TYR A 118 -10.14 0.37 -15.25
N ASP A 119 -9.56 1.55 -15.03
CA ASP A 119 -10.23 2.66 -14.35
C ASP A 119 -10.80 2.21 -13.00
N GLY A 120 -10.04 1.37 -12.31
CA GLY A 120 -10.41 1.00 -10.96
C GLY A 120 -11.40 -0.14 -10.86
N ALA A 121 -11.86 -0.72 -11.98
CA ALA A 121 -12.80 -1.83 -11.97
C ALA A 121 -12.12 -3.11 -12.48
N ASP A 122 -12.44 -4.24 -11.85
CA ASP A 122 -11.94 -5.54 -12.30
C ASP A 122 -12.18 -5.69 -13.80
N TYR A 123 -11.13 -6.09 -14.52
CA TYR A 123 -11.18 -6.23 -15.96
C TYR A 123 -11.07 -7.70 -16.35
N ILE A 124 -9.94 -8.34 -16.05
CA ILE A 124 -9.77 -9.77 -16.31
C ILE A 124 -8.87 -10.32 -15.20
N ALA A 125 -9.09 -11.58 -14.85
CA ALA A 125 -8.34 -12.24 -13.79
C ALA A 125 -8.07 -13.69 -14.14
N LEU A 126 -6.89 -14.16 -13.75
CA LEU A 126 -6.54 -15.57 -13.89
C LEU A 126 -7.27 -16.35 -12.80
N ASN A 127 -7.95 -17.42 -13.21
CA ASN A 127 -8.72 -18.21 -12.25
C ASN A 127 -7.80 -19.00 -11.32
N GLU A 128 -8.38 -19.53 -10.23
CA GLU A 128 -7.61 -20.24 -9.22
C GLU A 128 -6.85 -21.42 -9.79
N ASP A 129 -7.36 -22.05 -10.85
CA ASP A 129 -6.67 -23.18 -11.47
C ASP A 129 -5.42 -22.76 -12.25
N LEU A 130 -5.13 -21.46 -12.34
CA LEU A 130 -4.03 -20.92 -13.16
C LEU A 130 -4.10 -21.40 -14.60
N ARG A 131 -5.29 -21.80 -15.07
CA ARG A 131 -5.44 -22.29 -16.43
C ARG A 131 -6.43 -21.53 -17.28
N SER A 132 -7.33 -20.75 -16.68
CA SER A 132 -8.35 -20.08 -17.46
C SER A 132 -8.54 -18.67 -16.92
N TRP A 133 -9.28 -17.86 -17.68
CA TRP A 133 -9.52 -16.46 -17.35
C TRP A 133 -11.00 -16.22 -17.09
N THR A 134 -11.27 -15.24 -16.23
CA THR A 134 -12.60 -14.66 -16.09
C THR A 134 -12.55 -13.19 -16.52
N ALA A 135 -13.36 -12.85 -17.53
CA ALA A 135 -13.46 -11.50 -18.07
C ALA A 135 -14.74 -10.83 -17.61
N ALA A 136 -14.64 -9.53 -17.31
CA ALA A 136 -15.71 -8.82 -16.61
C ALA A 136 -16.77 -8.25 -17.51
N ASP A 137 -16.46 -8.00 -18.78
CA ASP A 137 -17.40 -7.35 -19.69
C ASP A 137 -17.00 -7.66 -21.13
N THR A 138 -17.70 -7.03 -22.06
CA THR A 138 -17.49 -7.28 -23.48
C THR A 138 -16.08 -6.94 -23.92
N ALA A 139 -15.53 -5.82 -23.42
CA ALA A 139 -14.17 -5.46 -23.79
C ALA A 139 -13.17 -6.51 -23.33
N ALA A 140 -13.28 -6.93 -22.07
CA ALA A 140 -12.36 -7.92 -21.53
C ALA A 140 -12.46 -9.27 -22.23
N GLN A 141 -13.62 -9.58 -22.83
CA GLN A 141 -13.72 -10.82 -23.62
C GLN A 141 -12.84 -10.77 -24.86
N ILE A 142 -12.62 -9.60 -25.44
CA ILE A 142 -11.67 -9.48 -26.53
C ILE A 142 -10.28 -9.88 -26.06
N THR A 143 -9.85 -9.29 -24.94
CA THR A 143 -8.56 -9.65 -24.37
C THR A 143 -8.50 -11.13 -24.03
N LYS A 144 -9.57 -11.68 -23.46
CA LYS A 144 -9.58 -13.08 -23.08
C LYS A 144 -9.32 -13.98 -24.28
N ARG A 145 -9.96 -13.72 -25.41
CA ARG A 145 -9.78 -14.60 -26.56
C ARG A 145 -8.37 -14.48 -27.13
N LYS A 146 -7.80 -13.27 -27.13
CA LYS A 146 -6.42 -13.10 -27.58
C LYS A 146 -5.47 -13.91 -26.70
N TRP A 147 -5.66 -13.84 -25.38
CA TRP A 147 -4.75 -14.53 -24.46
C TRP A 147 -4.97 -16.03 -24.46
N GLU A 148 -6.22 -16.48 -24.69
CA GLU A 148 -6.44 -17.92 -24.91
C GLU A 148 -5.76 -18.39 -26.19
N THR A 149 -5.92 -17.64 -27.28
CA THR A 149 -5.26 -18.01 -28.53
C THR A 149 -3.76 -18.14 -28.36
N ALA A 150 -3.14 -17.25 -27.58
CA ALA A 150 -1.70 -17.25 -27.39
C ALA A 150 -1.23 -18.09 -26.20
N ASN A 151 -2.11 -18.82 -25.52
CA ASN A 151 -1.74 -19.71 -24.40
C ASN A 151 -1.03 -18.94 -23.28
N VAL A 152 -1.52 -17.73 -23.01
CA VAL A 152 -0.89 -16.85 -22.03
C VAL A 152 -0.93 -17.46 -20.64
N ALA A 153 -2.03 -18.15 -20.30
CA ALA A 153 -2.19 -18.66 -18.94
C ALA A 153 -1.07 -19.64 -18.57
N GLU A 154 -0.58 -20.42 -19.53
CA GLU A 154 0.48 -21.37 -19.21
C GLU A 154 1.75 -20.67 -18.74
N ARG A 155 2.04 -19.52 -19.33
CA ARG A 155 3.22 -18.77 -18.93
C ARG A 155 3.03 -18.11 -17.56
N ARG A 156 1.83 -17.58 -17.28
CA ARG A 156 1.56 -17.07 -15.94
C ARG A 156 1.73 -18.18 -14.91
N ARG A 157 1.16 -19.35 -15.19
CA ARG A 157 1.25 -20.47 -14.24
C ARG A 157 2.70 -20.89 -14.01
N SER A 158 3.49 -20.99 -15.08
CA SER A 158 4.90 -21.38 -14.95
C SER A 158 5.68 -20.35 -14.14
N TYR A 159 5.41 -19.07 -14.37
CA TYR A 159 6.07 -18.04 -13.57
C TYR A 159 5.65 -18.15 -12.10
N LEU A 160 4.35 -18.30 -11.84
CA LEU A 160 3.86 -18.28 -10.47
C LEU A 160 4.38 -19.49 -9.68
N GLN A 161 4.38 -20.67 -10.29
CA GLN A 161 4.86 -21.88 -9.61
C GLN A 161 6.38 -21.92 -9.53
N GLY A 162 7.07 -21.27 -10.47
CA GLY A 162 8.50 -21.37 -10.62
C GLY A 162 9.20 -20.10 -10.09
N LEU A 163 9.59 -19.22 -11.02
CA LEU A 163 10.45 -18.08 -10.67
C LEU A 163 9.89 -17.22 -9.51
N CYS A 164 8.56 -17.08 -9.42
CA CYS A 164 8.02 -16.26 -8.33
C CYS A 164 8.40 -16.85 -6.98
N VAL A 165 8.18 -18.17 -6.82
CA VAL A 165 8.44 -18.84 -5.56
C VAL A 165 9.94 -18.89 -5.28
N GLU A 166 10.73 -19.22 -6.31
CA GLU A 166 12.18 -19.33 -6.11
C GLU A 166 12.78 -17.98 -5.76
N SER A 167 12.34 -16.90 -6.41
CA SER A 167 12.90 -15.61 -6.05
C SER A 167 12.41 -15.15 -4.68
N LEU A 168 11.15 -15.44 -4.34
CA LEU A 168 10.68 -15.16 -2.98
C LEU A 168 11.57 -15.87 -1.95
N ARG A 169 11.85 -17.15 -2.15
CA ARG A 169 12.68 -17.87 -1.18
C ARG A 169 14.05 -17.21 -1.06
N GLU A 170 14.63 -16.77 -2.19
CA GLU A 170 15.92 -16.09 -2.15
C GLU A 170 15.87 -14.78 -1.38
N TYR A 171 14.84 -13.96 -1.64
CA TYR A 171 14.68 -12.70 -0.91
C TYR A 171 14.49 -12.93 0.57
N LEU A 172 13.72 -13.96 0.94
CA LEU A 172 13.47 -14.21 2.35
C LEU A 172 14.78 -14.51 3.07
N GLU A 173 15.71 -15.19 2.40
CA GLU A 173 17.00 -15.48 3.01
C GLU A 173 17.91 -14.24 3.03
N MET A 174 17.95 -13.49 1.91
CA MET A 174 18.76 -12.27 1.84
C MET A 174 18.34 -11.25 2.91
N GLY A 175 17.04 -11.14 3.15
CA GLY A 175 16.52 -10.17 4.09
C GLY A 175 16.03 -10.80 5.37
N LYS A 176 16.56 -11.99 5.71
CA LYS A 176 16.08 -12.75 6.86
C LYS A 176 16.12 -11.91 8.14
N ASP A 177 17.12 -11.04 8.25
CA ASP A 177 17.32 -10.28 9.49
C ASP A 177 16.21 -9.28 9.75
N THR A 178 15.46 -8.88 8.72
CA THR A 178 14.33 -7.97 8.87
C THR A 178 13.01 -8.58 8.42
N LEU A 179 13.02 -9.36 7.34
CA LEU A 179 11.79 -9.96 6.84
C LEU A 179 11.29 -11.09 7.73
N GLN A 180 12.18 -11.79 8.42
CA GLN A 180 11.79 -12.96 9.19
C GLN A 180 11.92 -12.74 10.69
N ARG A 181 12.01 -11.49 11.10
CA ARG A 181 12.08 -11.11 12.51
C ARG A 181 10.89 -10.23 12.84
N ALA A 182 10.06 -10.69 13.78
CA ALA A 182 8.91 -9.89 14.18
C ALA A 182 9.36 -8.80 15.14
N GLU A 183 8.92 -7.57 14.89
CA GLU A 183 9.21 -6.44 15.76
C GLU A 183 7.95 -6.15 16.55
N PRO A 184 7.95 -6.33 17.87
CA PRO A 184 6.72 -6.17 18.66
C PRO A 184 6.37 -4.70 18.81
N PRO A 185 5.10 -4.39 19.06
CA PRO A 185 4.72 -2.98 19.23
C PRO A 185 5.21 -2.43 20.56
N LYS A 186 5.49 -1.14 20.56
CA LYS A 186 5.60 -0.39 21.80
C LYS A 186 4.21 0.17 22.12
N THR A 187 3.71 -0.08 23.33
CA THR A 187 2.33 0.19 23.67
C THR A 187 2.22 1.19 24.83
N HIS A 188 1.12 1.93 24.84
CA HIS A 188 0.80 2.81 25.95
C HIS A 188 -0.65 3.26 25.83
N VAL A 189 -1.19 3.79 26.92
CA VAL A 189 -2.58 4.19 26.98
C VAL A 189 -2.63 5.66 27.36
N THR A 190 -3.40 6.44 26.60
CA THR A 190 -3.60 7.85 26.89
C THR A 190 -5.06 8.10 27.18
N ARG A 191 -5.35 9.23 27.81
CA ARG A 191 -6.71 9.59 28.18
C ARG A 191 -7.00 11.00 27.70
N HIS A 192 -8.20 11.21 27.18
CA HIS A 192 -8.55 12.47 26.54
C HIS A 192 -9.99 12.84 26.83
N PRO A 193 -10.28 14.13 27.00
CA PRO A 193 -11.68 14.58 27.10
C PRO A 193 -12.49 14.13 25.90
N SER A 194 -13.78 13.87 26.12
CA SER A 194 -14.68 13.48 25.05
C SER A 194 -15.94 14.34 25.03
N SER A 195 -16.86 14.07 25.94
CA SER A 195 -18.12 14.82 26.00
C SER A 195 -18.70 14.70 27.40
N ASP A 196 -20.01 14.98 27.52
CA ASP A 196 -20.67 15.07 28.82
C ASP A 196 -20.40 13.83 29.67
N LEU A 197 -20.80 12.66 29.20
CA LEU A 197 -20.67 11.43 29.96
C LEU A 197 -19.61 10.55 29.29
N GLY A 198 -18.35 10.95 29.44
CA GLY A 198 -17.27 10.08 29.02
C GLY A 198 -15.92 10.71 28.73
N VAL A 199 -14.86 9.98 29.03
CA VAL A 199 -13.51 10.31 28.60
C VAL A 199 -13.04 9.22 27.65
N THR A 200 -12.15 9.58 26.76
CA THR A 200 -11.63 8.64 25.77
C THR A 200 -10.36 7.98 26.31
N LEU A 201 -10.33 6.66 26.25
CA LEU A 201 -9.11 5.90 26.47
C LEU A 201 -8.61 5.45 25.10
N ARG A 202 -7.34 5.70 24.82
CA ARG A 202 -6.76 5.36 23.52
C ARG A 202 -5.56 4.45 23.78
N CYS A 203 -5.58 3.29 23.14
CA CYS A 203 -4.54 2.27 23.31
C CYS A 203 -3.72 2.25 22.04
N TRP A 204 -2.42 2.55 22.17
CA TRP A 204 -1.52 2.77 21.06
C TRP A 204 -0.56 1.59 20.89
N ALA A 205 -0.35 1.16 19.64
CA ALA A 205 0.68 0.18 19.31
C ALA A 205 1.56 0.80 18.23
N LEU A 206 2.84 1.01 18.54
CA LEU A 206 3.72 1.72 17.62
C LEU A 206 4.89 0.83 17.22
N GLY A 207 5.33 1.00 15.97
CA GLY A 207 6.61 0.43 15.56
C GLY A 207 6.64 -1.08 15.39
N PHE A 208 5.52 -1.71 15.08
CA PHE A 208 5.49 -3.15 14.94
C PHE A 208 5.63 -3.60 13.48
N TYR A 209 6.02 -4.86 13.33
CA TYR A 209 6.18 -5.51 12.04
C TYR A 209 6.09 -7.02 12.28
N PRO A 210 5.32 -7.77 11.48
CA PRO A 210 4.52 -7.29 10.34
C PRO A 210 3.24 -6.57 10.73
N LYS A 211 2.45 -6.26 9.69
CA LYS A 211 1.27 -5.40 9.80
C LYS A 211 0.18 -5.99 10.68
N GLU A 212 0.01 -7.30 10.70
CA GLU A 212 -1.14 -7.90 11.39
C GLU A 212 -1.05 -7.66 12.89
N ILE A 213 -2.14 -7.22 13.50
CA ILE A 213 -2.15 -6.97 14.92
C ILE A 213 -3.59 -7.05 15.41
N SER A 214 -3.77 -7.34 16.70
CA SER A 214 -5.07 -7.31 17.33
C SER A 214 -5.03 -6.37 18.52
N LEU A 215 -5.86 -5.32 18.48
CA LEU A 215 -6.07 -4.38 19.58
C LEU A 215 -7.53 -4.47 19.98
N THR A 216 -7.80 -4.80 21.23
CA THR A 216 -9.19 -4.87 21.69
C THR A 216 -9.30 -4.21 23.04
N TRP A 217 -10.45 -3.61 23.30
CA TRP A 217 -10.80 -3.11 24.62
C TRP A 217 -11.79 -4.06 25.23
N GLN A 218 -11.69 -4.28 26.54
CA GLN A 218 -12.57 -5.22 27.21
C GLN A 218 -13.09 -4.59 28.50
N ARG A 219 -14.39 -4.31 28.54
CA ARG A 219 -15.08 -3.86 29.74
C ARG A 219 -15.34 -5.08 30.61
N GLU A 220 -14.58 -5.21 31.71
CA GLU A 220 -14.75 -6.27 32.69
C GLU A 220 -14.81 -7.65 32.03
N GLY A 221 -13.74 -7.99 31.31
CA GLY A 221 -13.57 -9.32 30.75
C GLY A 221 -14.27 -9.56 29.43
N GLN A 222 -15.37 -8.86 29.19
CA GLN A 222 -16.17 -9.01 27.98
C GLN A 222 -15.77 -7.95 26.96
N ASP A 223 -15.60 -8.37 25.71
CA ASP A 223 -15.06 -7.47 24.69
C ASP A 223 -16.00 -6.32 24.42
N GLN A 224 -15.44 -5.12 24.30
CA GLN A 224 -16.17 -3.91 23.97
C GLN A 224 -15.83 -3.53 22.53
N SER A 225 -16.46 -4.23 21.57
CA SER A 225 -16.32 -3.88 20.16
C SER A 225 -17.51 -3.07 19.66
N GLN A 226 -18.22 -2.39 20.56
CA GLN A 226 -19.41 -1.64 20.21
C GLN A 226 -19.03 -0.31 19.59
N ASP A 227 -18.46 0.60 20.38
CA ASP A 227 -17.96 1.88 19.87
C ASP A 227 -16.47 2.02 20.11
N MET A 228 -15.76 0.91 20.18
CA MET A 228 -14.32 0.94 19.96
C MET A 228 -14.07 1.63 18.62
N GLU A 229 -13.34 2.73 18.66
CA GLU A 229 -12.89 3.40 17.45
C GLU A 229 -11.52 2.84 17.10
N LEU A 230 -11.39 2.27 15.91
CA LEU A 230 -10.18 1.55 15.48
C LEU A 230 -9.69 2.14 14.16
N VAL A 231 -8.53 2.83 14.16
CA VAL A 231 -8.03 3.45 12.94
C VAL A 231 -7.36 2.40 12.06
N GLU A 232 -7.37 2.65 10.75
CA GLU A 232 -6.65 1.80 9.82
C GLU A 232 -5.17 1.78 10.19
N THR A 233 -4.57 0.58 10.11
CA THR A 233 -3.14 0.43 10.35
C THR A 233 -2.35 1.25 9.35
N ARG A 234 -1.38 2.02 9.85
CA ARG A 234 -0.73 3.03 9.04
C ARG A 234 0.78 2.89 9.15
N PRO A 235 1.50 3.30 8.11
CA PRO A 235 2.96 3.11 8.10
C PRO A 235 3.67 4.10 9.03
N SER A 236 4.70 3.63 9.71
CA SER A 236 5.47 4.51 10.57
C SER A 236 6.42 5.40 9.80
N GLY A 237 6.82 5.01 8.59
CA GLY A 237 7.81 5.72 7.83
C GLY A 237 9.17 5.06 7.83
N ASP A 238 9.40 4.11 8.73
CA ASP A 238 10.66 3.38 8.82
C ASP A 238 10.49 1.89 8.49
N GLY A 239 9.39 1.51 7.83
CA GLY A 239 9.12 0.13 7.50
C GLY A 239 8.28 -0.62 8.52
N THR A 240 7.98 -0.01 9.67
CA THR A 240 7.08 -0.62 10.64
C THR A 240 5.70 0.04 10.53
N PHE A 241 4.78 -0.34 11.44
CA PHE A 241 3.39 0.09 11.38
C PHE A 241 2.92 0.61 12.73
N GLN A 242 1.78 1.31 12.70
CA GLN A 242 1.17 1.95 13.86
C GLN A 242 -0.33 1.67 13.85
N LYS A 243 -0.92 1.61 15.05
CA LYS A 243 -2.38 1.51 15.14
C LYS A 243 -2.80 1.95 16.52
N TRP A 244 -4.06 2.40 16.64
CA TRP A 244 -4.61 2.61 17.96
C TRP A 244 -6.09 2.24 17.97
N ALA A 245 -6.59 1.96 19.17
CA ALA A 245 -8.00 1.66 19.40
C ALA A 245 -8.45 2.50 20.57
N ALA A 246 -9.60 3.16 20.42
CA ALA A 246 -10.07 4.07 21.43
C ALA A 246 -11.51 3.74 21.81
N LEU A 247 -11.89 4.12 23.03
CA LEU A 247 -13.26 3.93 23.48
C LEU A 247 -13.58 4.97 24.54
N VAL A 248 -14.85 5.32 24.63
CA VAL A 248 -15.33 6.30 25.60
C VAL A 248 -15.83 5.54 26.82
N VAL A 249 -15.34 5.91 27.99
CA VAL A 249 -15.67 5.21 29.23
C VAL A 249 -16.24 6.24 30.20
N PRO A 250 -16.96 5.80 31.22
CA PRO A 250 -17.48 6.75 32.24
C PRO A 250 -16.33 7.36 33.03
N PRO A 251 -16.38 8.67 33.27
CA PRO A 251 -15.38 9.29 34.14
C PRO A 251 -15.31 8.58 35.49
N GLY A 252 -14.08 8.35 35.96
CA GLY A 252 -13.87 7.59 37.18
C GLY A 252 -13.90 6.09 37.03
N GLU A 253 -14.26 5.56 35.86
CA GLU A 253 -14.29 4.11 35.65
C GLU A 253 -13.17 3.62 34.75
N GLU A 254 -12.16 4.45 34.49
CA GLU A 254 -11.08 4.07 33.58
C GLU A 254 -10.47 2.71 33.95
N GLN A 255 -10.17 2.50 35.23
CA GLN A 255 -9.45 1.30 35.64
C GLN A 255 -10.27 0.02 35.50
N SER A 256 -11.53 0.11 35.10
CA SER A 256 -12.30 -1.10 34.81
C SER A 256 -12.02 -1.68 33.44
N TYR A 257 -11.24 -0.99 32.60
CA TYR A 257 -11.07 -1.36 31.20
C TYR A 257 -9.64 -1.82 30.94
N THR A 258 -9.50 -2.80 30.06
CA THR A 258 -8.19 -3.33 29.71
C THR A 258 -8.07 -3.39 28.19
N CYS A 259 -6.91 -2.98 27.69
CA CYS A 259 -6.57 -3.12 26.29
C CYS A 259 -5.71 -4.38 26.12
N HIS A 260 -6.11 -5.24 25.20
CA HIS A 260 -5.42 -6.48 24.93
C HIS A 260 -4.73 -6.36 23.57
N VAL A 261 -3.44 -6.65 23.53
CA VAL A 261 -2.64 -6.52 22.32
C VAL A 261 -2.08 -7.90 22.00
N GLN A 262 -2.39 -8.41 20.82
CA GLN A 262 -1.80 -9.63 20.29
C GLN A 262 -1.00 -9.26 19.05
N HIS A 263 0.27 -9.70 19.01
CA HIS A 263 1.13 -9.50 17.86
C HIS A 263 2.18 -10.60 17.85
N GLU A 264 2.57 -11.06 16.66
CA GLU A 264 3.51 -12.19 16.63
C GLU A 264 4.89 -11.84 17.19
N GLY A 265 5.21 -10.56 17.34
CA GLY A 265 6.44 -10.13 17.99
C GLY A 265 6.46 -10.27 19.49
N LEU A 266 5.32 -10.50 20.12
CA LEU A 266 5.23 -10.64 21.57
C LEU A 266 5.24 -12.12 21.95
N GLN A 267 5.91 -12.42 23.07
CA GLN A 267 5.89 -13.79 23.59
C GLN A 267 4.49 -14.19 24.02
N GLU A 268 3.71 -13.25 24.55
CA GLU A 268 2.34 -13.49 24.98
C GLU A 268 1.59 -12.16 24.93
N PRO A 269 0.26 -12.19 24.76
CA PRO A 269 -0.50 -10.95 24.63
C PRO A 269 -0.31 -10.04 25.83
N LEU A 270 -0.43 -8.74 25.59
CA LEU A 270 -0.27 -7.72 26.62
C LEU A 270 -1.63 -7.34 27.18
N THR A 271 -1.63 -6.86 28.42
CA THR A 271 -2.82 -6.32 29.08
C THR A 271 -2.45 -4.95 29.65
N LEU A 272 -2.90 -3.89 28.99
CA LEU A 272 -2.62 -2.52 29.40
C LEU A 272 -3.88 -1.89 29.99
N ARG A 273 -3.67 -0.92 30.87
CA ARG A 273 -4.78 -0.14 31.40
C ARG A 273 -4.32 1.30 31.60
N TRP A 274 -5.28 2.18 31.83
CA TRP A 274 -4.96 3.57 32.14
C TRP A 274 -4.17 3.66 33.43
N ASP A 275 -3.10 4.46 33.39
CA ASP A 275 -2.12 4.61 34.48
C ASP A 275 -2.71 4.56 35.88
N VAL B 3 -16.24 4.11 -10.75
CA VAL B 3 -16.36 5.48 -10.29
C VAL B 3 -15.05 5.93 -9.64
N ALA B 4 -14.92 7.22 -9.38
CA ALA B 4 -13.81 7.72 -8.59
C ALA B 4 -14.07 7.48 -7.11
N ARG B 5 -13.00 7.21 -6.36
CA ARG B 5 -13.09 6.97 -4.93
C ARG B 5 -12.31 8.03 -4.17
N PRO B 6 -12.87 8.58 -3.10
CA PRO B 6 -12.20 9.69 -2.40
C PRO B 6 -11.13 9.19 -1.44
N PRO B 7 -10.13 10.02 -1.13
CA PRO B 7 -9.06 9.60 -0.22
C PRO B 7 -9.46 9.66 1.24
N LYS B 8 -8.99 8.68 2.00
CA LYS B 8 -8.92 8.80 3.45
C LYS B 8 -7.56 9.37 3.82
N VAL B 9 -7.51 10.11 4.92
CA VAL B 9 -6.30 10.84 5.31
C VAL B 9 -6.08 10.66 6.80
N GLN B 10 -4.85 10.28 7.19
CA GLN B 10 -4.42 10.27 8.58
C GLN B 10 -3.14 11.08 8.70
N VAL B 11 -3.07 11.94 9.71
CA VAL B 11 -1.89 12.74 10.00
C VAL B 11 -1.41 12.41 11.39
N TYR B 12 -0.13 12.10 11.53
CA TYR B 12 0.35 11.52 12.77
C TYR B 12 1.88 11.53 12.76
N SER B 13 2.46 11.50 13.95
CA SER B 13 3.91 11.46 14.08
C SER B 13 4.39 10.03 14.27
N ARG B 14 5.65 9.78 13.88
CA ARG B 14 6.21 8.44 14.00
C ARG B 14 6.36 8.01 15.45
N HIS B 15 6.78 8.91 16.33
CA HIS B 15 6.90 8.62 17.75
C HIS B 15 6.02 9.59 18.52
N PRO B 16 5.65 9.26 19.76
CA PRO B 16 4.84 10.21 20.55
C PRO B 16 5.56 11.55 20.63
N ALA B 17 4.82 12.62 20.36
CA ALA B 17 5.41 13.93 20.25
C ALA B 17 5.88 14.43 21.61
N GLU B 18 7.10 14.96 21.67
CA GLU B 18 7.62 15.68 22.83
C GLU B 18 8.12 17.03 22.34
N ASN B 19 7.70 18.10 22.99
CA ASN B 19 8.11 19.43 22.55
C ASN B 19 9.63 19.55 22.51
N GLY B 20 10.14 20.05 21.38
CA GLY B 20 11.57 20.20 21.19
C GLY B 20 12.34 18.94 20.88
N LYS B 21 11.66 17.79 20.69
CA LYS B 21 12.39 16.56 20.42
C LYS B 21 12.18 16.13 18.96
N PRO B 22 13.25 15.87 18.21
CA PRO B 22 13.11 15.58 16.78
C PRO B 22 12.26 14.33 16.52
N ASN B 23 11.45 14.42 15.47
CA ASN B 23 10.43 13.41 15.21
C ASN B 23 10.24 13.30 13.70
N TYR B 24 9.20 12.57 13.29
CA TYR B 24 8.80 12.50 11.89
C TYR B 24 7.30 12.69 11.80
N LEU B 25 6.88 13.50 10.83
CA LEU B 25 5.48 13.81 10.57
C LEU B 25 5.00 13.06 9.33
N ASN B 26 3.90 12.31 9.48
CA ASN B 26 3.38 11.48 8.41
C ASN B 26 2.00 11.95 7.99
N CYS B 27 1.74 11.89 6.69
CA CYS B 27 0.38 12.05 6.17
C CYS B 27 0.13 10.84 5.29
N TYR B 28 -0.73 9.93 5.75
CA TYR B 28 -1.02 8.68 5.06
C TYR B 28 -2.36 8.84 4.34
N VAL B 29 -2.35 8.67 3.02
CA VAL B 29 -3.51 8.93 2.17
C VAL B 29 -3.82 7.67 1.40
N SER B 30 -5.06 7.18 1.50
CA SER B 30 -5.36 5.84 0.99
C SER B 30 -6.79 5.76 0.48
N GLY B 31 -7.06 4.69 -0.25
CA GLY B 31 -8.41 4.40 -0.70
C GLY B 31 -8.90 5.19 -1.89
N PHE B 32 -8.05 5.96 -2.57
CA PHE B 32 -8.49 6.83 -3.65
C PHE B 32 -8.25 6.23 -5.03
N HIS B 33 -8.95 6.79 -6.01
CA HIS B 33 -8.91 6.44 -7.42
C HIS B 33 -9.65 7.54 -8.19
N PRO B 34 -9.08 8.08 -9.28
CA PRO B 34 -7.82 7.76 -9.96
C PRO B 34 -6.57 8.15 -9.14
N PRO B 35 -5.36 7.78 -9.58
CA PRO B 35 -4.17 8.02 -8.75
C PRO B 35 -3.67 9.46 -8.74
N GLN B 36 -4.10 10.32 -9.66
CA GLN B 36 -3.63 11.70 -9.64
C GLN B 36 -4.10 12.37 -8.35
N ILE B 37 -3.15 12.91 -7.58
CA ILE B 37 -3.46 13.46 -6.26
C ILE B 37 -2.35 14.43 -5.88
N GLU B 38 -2.69 15.43 -5.07
CA GLU B 38 -1.72 16.37 -4.52
C GLU B 38 -1.83 16.33 -3.01
N ILE B 39 -0.75 15.88 -2.35
CA ILE B 39 -0.70 15.72 -0.91
C ILE B 39 0.43 16.60 -0.39
N ASP B 40 0.09 17.56 0.47
CA ASP B 40 1.07 18.50 0.99
C ASP B 40 1.01 18.52 2.51
N LEU B 41 2.16 18.34 3.16
CA LEU B 41 2.28 18.60 4.58
C LEU B 41 2.54 20.09 4.75
N LEU B 42 1.80 20.73 5.65
CA LEU B 42 1.88 22.17 5.87
C LEU B 42 2.40 22.45 7.27
N LYS B 43 3.31 23.42 7.36
CA LYS B 43 3.74 23.97 8.63
C LYS B 43 3.23 25.40 8.71
N ASN B 44 2.33 25.66 9.67
CA ASN B 44 1.68 26.97 9.78
C ASN B 44 1.11 27.42 8.44
N GLY B 45 0.50 26.48 7.72
CA GLY B 45 -0.11 26.78 6.43
C GLY B 45 0.83 26.80 5.24
N GLU B 46 2.14 26.68 5.46
CA GLU B 46 3.13 26.77 4.38
C GLU B 46 3.59 25.37 3.99
N LYS B 47 3.66 25.11 2.68
CA LYS B 47 4.02 23.77 2.21
C LYS B 47 5.44 23.39 2.64
N MET B 48 5.56 22.23 3.29
CA MET B 48 6.86 21.64 3.61
C MET B 48 7.36 20.80 2.44
N ASN B 49 8.70 20.74 2.30
CA ASN B 49 9.29 19.94 1.22
C ASN B 49 9.39 18.48 1.66
N ALA B 50 8.23 17.82 1.73
CA ALA B 50 8.16 16.47 2.28
C ALA B 50 8.25 15.44 1.16
N GLU B 51 8.81 14.28 1.52
CA GLU B 51 9.04 13.18 0.60
C GLU B 51 7.75 12.38 0.41
N GLN B 52 7.58 11.82 -0.79
CA GLN B 52 6.39 11.00 -1.05
C GLN B 52 6.80 9.60 -1.48
N SER B 53 6.09 8.60 -0.95
CA SER B 53 6.38 7.21 -1.27
C SER B 53 6.03 6.89 -2.73
N ASP B 54 6.44 5.70 -3.16
CA ASP B 54 6.14 5.20 -4.49
C ASP B 54 4.68 4.79 -4.61
N LEU B 55 4.06 5.11 -5.75
CA LEU B 55 2.64 4.80 -5.94
C LEU B 55 2.38 3.29 -5.87
N SER B 56 1.50 2.90 -4.96
CA SER B 56 1.09 1.50 -4.81
C SER B 56 -0.42 1.47 -4.60
N PHE B 57 -0.97 0.27 -4.53
CA PHE B 57 -2.40 0.15 -4.33
C PHE B 57 -2.73 -1.14 -3.60
N SER B 58 -3.96 -1.20 -3.10
CA SER B 58 -4.48 -2.26 -2.27
C SER B 58 -5.21 -3.28 -3.14
N LYS B 59 -5.71 -4.33 -2.50
CA LYS B 59 -6.35 -5.41 -3.26
C LYS B 59 -7.63 -4.97 -3.93
N ASP B 60 -8.26 -3.89 -3.47
CA ASP B 60 -9.43 -3.37 -4.15
C ASP B 60 -9.08 -2.37 -5.24
N TRP B 61 -7.79 -2.27 -5.62
CA TRP B 61 -7.24 -1.41 -6.66
C TRP B 61 -7.07 0.04 -6.22
N SER B 62 -7.51 0.44 -5.02
CA SER B 62 -7.36 1.83 -4.62
C SER B 62 -5.93 2.11 -4.14
N PHE B 63 -5.48 3.32 -4.40
CA PHE B 63 -4.09 3.71 -4.21
C PHE B 63 -3.84 4.18 -2.77
N TYR B 64 -2.58 4.07 -2.35
CA TYR B 64 -2.15 4.69 -1.11
C TYR B 64 -0.78 5.33 -1.28
N LEU B 65 -0.54 6.38 -0.49
CA LEU B 65 0.69 7.14 -0.55
C LEU B 65 1.02 7.64 0.84
N LEU B 66 2.31 7.69 1.16
CA LEU B 66 2.78 8.29 2.41
C LEU B 66 3.61 9.53 2.08
N VAL B 67 3.21 10.67 2.61
CA VAL B 67 4.00 11.90 2.54
C VAL B 67 4.58 12.14 3.94
N HIS B 68 5.88 12.44 4.00
CA HIS B 68 6.49 12.48 5.31
C HIS B 68 7.74 13.33 5.32
N THR B 69 8.06 13.86 6.50
CA THR B 69 9.26 14.69 6.64
C THR B 69 9.67 14.74 8.11
N GLU B 70 10.93 15.08 8.34
CA GLU B 70 11.37 15.36 9.69
C GLU B 70 10.69 16.60 10.25
N PHE B 71 10.48 16.60 11.57
CA PHE B 71 10.01 17.81 12.22
C PHE B 71 10.29 17.72 13.71
N THR B 72 10.31 18.89 14.33
CA THR B 72 10.55 19.01 15.77
C THR B 72 9.35 19.75 16.34
N PRO B 73 8.39 19.05 16.90
CA PRO B 73 7.19 19.73 17.39
C PRO B 73 7.52 20.62 18.57
N ASN B 74 6.70 21.65 18.74
CA ASN B 74 6.78 22.51 19.90
C ASN B 74 5.36 22.95 20.22
N ALA B 75 5.23 23.95 21.09
CA ALA B 75 3.90 24.39 21.49
C ALA B 75 3.29 25.41 20.56
N VAL B 76 4.05 25.99 19.63
CA VAL B 76 3.56 27.06 18.79
C VAL B 76 3.16 26.57 17.39
N ASP B 77 4.00 25.78 16.74
CA ASP B 77 3.78 25.48 15.33
C ASP B 77 2.58 24.56 15.11
N GLN B 78 1.80 24.85 14.06
CA GLN B 78 0.64 24.05 13.66
C GLN B 78 0.96 23.32 12.38
N TYR B 79 0.63 22.03 12.33
CA TYR B 79 0.93 21.16 11.20
C TYR B 79 -0.36 20.54 10.68
N SER B 80 -0.45 20.42 9.37
CA SER B 80 -1.66 19.89 8.76
C SER B 80 -1.28 19.23 7.46
N CYS B 81 -2.21 18.43 6.94
CA CYS B 81 -2.04 17.80 5.64
C CYS B 81 -3.16 18.26 4.72
N ARG B 82 -2.80 18.69 3.51
CA ARG B 82 -3.76 19.21 2.54
C ARG B 82 -3.78 18.30 1.32
N VAL B 83 -4.97 17.83 0.96
CA VAL B 83 -5.13 16.84 -0.11
C VAL B 83 -6.07 17.39 -1.16
N LYS B 84 -5.62 17.42 -2.42
CA LYS B 84 -6.43 17.76 -3.58
C LYS B 84 -6.64 16.52 -4.45
N HIS B 85 -7.88 16.28 -4.84
CA HIS B 85 -8.22 15.10 -5.63
C HIS B 85 -9.51 15.41 -6.39
N VAL B 86 -9.68 14.76 -7.54
CA VAL B 86 -10.87 15.04 -8.38
C VAL B 86 -12.16 14.84 -7.60
N THR B 87 -12.16 13.95 -6.62
CA THR B 87 -13.37 13.71 -5.83
C THR B 87 -13.66 14.81 -4.81
N LEU B 88 -12.77 15.77 -4.64
CA LEU B 88 -12.92 16.78 -3.58
C LEU B 88 -13.16 18.13 -4.24
N ASP B 89 -14.31 18.75 -3.95
CA ASP B 89 -14.61 20.02 -4.61
C ASP B 89 -13.72 21.15 -4.08
N LYS B 90 -13.26 21.06 -2.85
CA LYS B 90 -12.22 21.92 -2.31
C LYS B 90 -11.20 21.03 -1.62
N PRO B 91 -10.00 21.53 -1.35
CA PRO B 91 -8.98 20.68 -0.73
C PRO B 91 -9.41 20.19 0.64
N LYS B 92 -9.04 18.94 0.95
CA LYS B 92 -9.27 18.35 2.27
C LYS B 92 -8.08 18.66 3.18
N ILE B 93 -8.38 19.24 4.35
CA ILE B 93 -7.36 19.61 5.34
C ILE B 93 -7.58 18.80 6.60
N VAL B 94 -6.54 18.08 7.03
CA VAL B 94 -6.56 17.36 8.30
C VAL B 94 -5.45 17.95 9.17
N LYS B 95 -5.82 18.43 10.36
CA LYS B 95 -4.84 19.00 11.28
C LYS B 95 -4.13 17.91 12.07
N TRP B 96 -2.83 18.10 12.33
CA TRP B 96 -2.11 17.17 13.19
C TRP B 96 -2.38 17.51 14.65
N ASP B 97 -2.64 16.49 15.44
CA ASP B 97 -2.60 16.67 16.89
C ASP B 97 -2.01 15.42 17.50
N ARG B 98 -1.23 15.61 18.57
CA ARG B 98 -0.43 14.53 19.12
C ARG B 98 -1.28 13.45 19.80
N ASP B 99 -2.58 13.64 19.93
CA ASP B 99 -3.42 12.64 20.56
C ASP B 99 -4.05 11.68 19.56
N HIS B 100 -3.78 11.84 18.27
CA HIS B 100 -4.32 10.95 17.24
C HIS B 100 -3.19 10.52 16.30
N ALA C 1 11.66 -11.48 -8.44
CA ALA C 1 11.91 -11.16 -9.84
C ALA C 1 10.61 -11.04 -10.64
N THR C 2 10.49 -10.00 -11.47
CA THR C 2 9.23 -9.76 -12.16
C THR C 2 9.05 -10.72 -13.33
N GLU C 3 7.81 -10.81 -13.80
CA GLU C 3 7.51 -11.56 -15.00
C GLU C 3 8.26 -11.00 -16.19
N ILE C 4 8.69 -11.89 -17.09
CA ILE C 4 9.63 -11.52 -18.14
C ILE C 4 8.97 -10.58 -19.15
N ARG C 5 7.70 -10.81 -19.44
CA ARG C 5 6.97 -10.02 -20.42
C ARG C 5 5.55 -10.54 -20.43
N GLU C 6 4.64 -9.75 -20.99
CA GLU C 6 3.26 -10.19 -21.15
C GLU C 6 2.70 -9.67 -22.47
N LEU C 7 1.62 -10.30 -22.93
CA LEU C 7 1.03 -9.98 -24.22
C LEU C 7 0.08 -8.79 -24.10
N LEU C 8 0.02 -7.99 -25.18
CA LEU C 8 -0.87 -6.84 -25.25
C LEU C 8 -2.31 -7.22 -24.89
N VAL C 9 -2.96 -6.32 -24.16
CA VAL C 9 -4.37 -6.42 -23.82
C VAL C 9 -5.25 -6.28 -25.09
N GLY D 1 -38.79 6.32 1.75
CA GLY D 1 -39.01 6.59 0.34
C GLY D 1 -37.84 6.20 -0.54
N PRO D 2 -38.12 5.77 -1.77
CA PRO D 2 -37.05 5.44 -2.71
C PRO D 2 -36.41 6.68 -3.30
N HIS D 3 -35.11 6.58 -3.58
CA HIS D 3 -34.41 7.66 -4.24
C HIS D 3 -34.87 7.80 -5.69
N SER D 4 -34.63 8.97 -6.26
CA SER D 4 -35.08 9.25 -7.62
C SER D 4 -34.10 10.20 -8.31
N LEU D 5 -34.07 10.09 -9.63
CA LEU D 5 -33.42 11.05 -10.51
C LEU D 5 -34.48 11.58 -11.45
N SER D 6 -34.60 12.91 -11.52
CA SER D 6 -35.64 13.52 -12.32
CA SER D 6 -35.65 13.51 -12.33
C SER D 6 -35.10 14.71 -13.08
N TYR D 7 -35.56 14.88 -14.31
CA TYR D 7 -35.25 16.03 -15.15
C TYR D 7 -36.55 16.73 -15.52
N PHE D 8 -36.45 18.05 -15.66
CA PHE D 8 -37.59 18.93 -15.90
C PHE D 8 -37.19 19.87 -17.01
N TYR D 9 -37.90 19.80 -18.14
CA TYR D 9 -37.64 20.61 -19.31
C TYR D 9 -38.74 21.63 -19.50
N THR D 10 -38.38 22.89 -19.75
CA THR D 10 -39.33 23.95 -20.05
C THR D 10 -38.88 24.64 -21.32
N ALA D 11 -39.74 24.67 -22.33
CA ALA D 11 -39.45 25.40 -23.56
C ALA D 11 -40.55 26.44 -23.74
N VAL D 12 -40.15 27.66 -24.08
CA VAL D 12 -41.06 28.78 -24.17
C VAL D 12 -40.81 29.49 -25.50
N SER D 13 -41.87 29.72 -26.28
CA SER D 13 -41.68 30.47 -27.51
C SER D 13 -41.65 31.96 -27.22
N ARG D 14 -40.83 32.69 -27.97
CA ARG D 14 -40.66 34.13 -27.80
C ARG D 14 -40.78 34.80 -29.15
N PRO D 15 -42.01 34.99 -29.64
CA PRO D 15 -42.16 35.57 -30.99
C PRO D 15 -41.71 37.01 -31.07
N ASP D 16 -41.73 37.76 -29.97
CA ASP D 16 -41.17 39.12 -29.98
C ASP D 16 -39.70 39.10 -30.38
N ARG D 17 -38.96 38.08 -29.93
CA ARG D 17 -37.55 37.93 -30.21
C ARG D 17 -37.28 36.92 -31.32
N GLY D 18 -38.32 36.37 -31.93
CA GLY D 18 -38.15 35.45 -33.03
C GLY D 18 -37.46 34.15 -32.69
N ASP D 19 -37.47 33.72 -31.43
CA ASP D 19 -36.77 32.49 -31.08
C ASP D 19 -37.55 31.78 -29.97
N SER D 20 -36.86 30.89 -29.26
CA SER D 20 -37.43 30.22 -28.09
C SER D 20 -36.32 30.02 -27.06
N ARG D 21 -36.72 29.65 -25.85
CA ARG D 21 -35.79 29.41 -24.75
C ARG D 21 -36.09 28.04 -24.13
N PHE D 22 -35.05 27.24 -23.93
CA PHE D 22 -35.17 25.91 -23.35
C PHE D 22 -34.31 25.88 -22.09
N ILE D 23 -34.92 25.52 -20.96
CA ILE D 23 -34.25 25.41 -19.67
C ILE D 23 -34.47 24.00 -19.14
N ALA D 24 -33.39 23.35 -18.71
CA ALA D 24 -33.50 22.04 -18.10
C ALA D 24 -32.85 22.08 -16.73
N VAL D 25 -33.45 21.38 -15.78
CA VAL D 25 -32.86 21.20 -14.46
C VAL D 25 -32.98 19.72 -14.07
N GLY D 26 -31.98 19.23 -13.36
CA GLY D 26 -31.96 17.85 -12.90
C GLY D 26 -31.87 17.82 -11.39
N TYR D 27 -32.58 16.86 -10.80
CA TYR D 27 -32.66 16.61 -9.37
C TYR D 27 -32.34 15.17 -9.05
N VAL D 28 -31.59 14.96 -7.97
CA VAL D 28 -31.58 13.69 -7.26
C VAL D 28 -32.33 13.91 -5.96
N ASP D 29 -33.39 13.12 -5.74
CA ASP D 29 -34.32 13.37 -4.65
C ASP D 29 -34.73 14.84 -4.63
N ASP D 30 -34.49 15.56 -3.52
CA ASP D 30 -34.87 16.97 -3.44
C ASP D 30 -33.70 17.92 -3.68
N THR D 31 -32.61 17.45 -4.28
CA THR D 31 -31.40 18.24 -4.46
C THR D 31 -31.21 18.52 -5.95
N GLN D 32 -31.29 19.79 -6.34
CA GLN D 32 -30.95 20.14 -7.72
C GLN D 32 -29.45 19.98 -7.91
N PHE D 33 -29.04 19.41 -9.06
CA PHE D 33 -27.61 19.19 -9.27
C PHE D 33 -27.08 19.60 -10.64
N VAL D 34 -27.93 19.85 -11.65
CA VAL D 34 -27.48 20.38 -12.93
C VAL D 34 -28.50 21.36 -13.49
N ARG D 35 -28.04 22.14 -14.48
CA ARG D 35 -28.93 23.01 -15.23
C ARG D 35 -28.38 23.19 -16.64
N PHE D 36 -29.29 23.49 -17.57
CA PHE D 36 -28.96 23.90 -18.93
C PHE D 36 -29.91 25.03 -19.31
N ASP D 37 -29.37 26.08 -19.93
CA ASP D 37 -30.17 27.24 -20.30
C ASP D 37 -29.74 27.63 -21.71
N SER D 38 -30.65 27.45 -22.68
CA SER D 38 -30.33 27.76 -24.07
C SER D 38 -29.96 29.22 -24.27
N ASP D 39 -30.38 30.11 -23.38
CA ASP D 39 -30.04 31.53 -23.46
C ASP D 39 -28.62 31.84 -23.02
N ALA D 40 -27.97 30.94 -22.27
CA ALA D 40 -26.59 31.17 -21.86
C ALA D 40 -25.68 31.23 -23.09
N PRO D 41 -24.71 32.13 -23.13
CA PRO D 41 -23.73 32.10 -24.24
C PRO D 41 -22.96 30.80 -24.22
N ASN D 42 -22.81 30.20 -25.40
CA ASN D 42 -22.13 28.91 -25.55
C ASN D 42 -22.70 27.94 -24.51
N PRO D 43 -23.99 27.63 -24.57
CA PRO D 43 -24.66 27.02 -23.41
C PRO D 43 -24.17 25.60 -23.17
N ARG D 44 -23.94 25.28 -21.90
CA ARG D 44 -23.46 23.99 -21.48
C ARG D 44 -24.31 23.49 -20.32
N MET D 45 -24.33 22.18 -20.13
CA MET D 45 -24.81 21.66 -18.86
C MET D 45 -23.83 22.09 -17.77
N GLU D 46 -24.36 22.62 -16.67
CA GLU D 46 -23.57 23.20 -15.60
C GLU D 46 -23.89 22.55 -14.25
N PRO D 47 -22.87 22.37 -13.42
CA PRO D 47 -23.12 21.86 -12.05
C PRO D 47 -23.88 22.87 -11.21
N ARG D 48 -24.76 22.35 -10.35
CA ARG D 48 -25.48 23.15 -9.38
C ARG D 48 -25.43 22.53 -7.99
N ALA D 49 -24.61 21.49 -7.80
CA ALA D 49 -24.36 20.89 -6.51
C ALA D 49 -22.88 20.51 -6.49
N PRO D 50 -22.23 20.61 -5.33
CA PRO D 50 -20.76 20.40 -5.31
C PRO D 50 -20.36 19.00 -5.76
N TRP D 51 -21.13 17.98 -5.40
CA TRP D 51 -20.67 16.62 -5.60
C TRP D 51 -20.66 16.20 -7.07
N ILE D 52 -21.42 16.88 -7.94
CA ILE D 52 -21.40 16.53 -9.36
C ILE D 52 -20.16 17.05 -10.06
N GLN D 53 -19.45 18.02 -9.48
CA GLN D 53 -18.29 18.61 -10.14
C GLN D 53 -17.15 17.61 -10.31
N GLN D 54 -17.18 16.50 -9.59
CA GLN D 54 -16.14 15.51 -9.83
C GLN D 54 -16.35 14.74 -11.13
N GLU D 55 -17.48 14.93 -11.81
CA GLU D 55 -17.63 14.36 -13.15
C GLU D 55 -16.59 14.98 -14.07
N GLY D 56 -15.91 14.13 -14.83
CA GLY D 56 -14.87 14.61 -15.73
C GLY D 56 -15.43 15.30 -16.95
N GLN D 57 -14.52 15.86 -17.73
CA GLN D 57 -14.90 16.66 -18.90
C GLN D 57 -15.77 15.88 -19.88
N ASP D 58 -15.54 14.56 -20.01
CA ASP D 58 -16.35 13.78 -20.94
C ASP D 58 -17.83 13.84 -20.59
N TYR D 59 -18.14 13.75 -19.28
CA TYR D 59 -19.53 13.84 -18.83
C TYR D 59 -20.16 15.18 -19.23
N TRP D 60 -19.47 16.28 -18.92
CA TRP D 60 -20.03 17.59 -19.24
C TRP D 60 -20.19 17.79 -20.73
N ASP D 61 -19.26 17.23 -21.54
CA ASP D 61 -19.41 17.29 -22.99
C ASP D 61 -20.62 16.48 -23.45
N ARG D 62 -20.74 15.25 -22.94
CA ARG D 62 -21.86 14.39 -23.32
C ARG D 62 -23.19 15.06 -22.97
N GLU D 63 -23.32 15.55 -21.73
CA GLU D 63 -24.56 16.18 -21.29
C GLU D 63 -24.84 17.44 -22.09
N THR D 64 -23.81 18.22 -22.39
CA THR D 64 -24.00 19.42 -23.21
C THR D 64 -24.50 19.05 -24.60
N ARG D 65 -23.94 18.00 -25.19
CA ARG D 65 -24.37 17.59 -26.51
C ARG D 65 -25.86 17.21 -26.52
N LYS D 66 -26.26 16.35 -25.58
CA LYS D 66 -27.66 15.93 -25.53
C LYS D 66 -28.59 17.12 -25.31
N GLN D 67 -28.22 18.04 -24.42
CA GLN D 67 -29.10 19.16 -24.12
C GLN D 67 -29.20 20.14 -25.29
N ARG D 68 -28.10 20.37 -26.01
CA ARG D 68 -28.17 21.24 -27.17
C ARG D 68 -29.08 20.63 -28.24
N ASP D 69 -28.92 19.32 -28.50
CA ASP D 69 -29.79 18.63 -29.44
C ASP D 69 -31.25 18.73 -29.01
N THR D 70 -31.50 18.44 -27.73
CA THR D 70 -32.86 18.44 -27.21
C THR D 70 -33.48 19.83 -27.29
N SER D 71 -32.67 20.86 -26.97
CA SER D 71 -33.12 22.23 -27.10
C SER D 71 -33.60 22.53 -28.51
N GLN D 72 -32.87 22.06 -29.52
CA GLN D 72 -33.28 22.24 -30.91
C GLN D 72 -34.61 21.55 -31.18
N THR D 73 -34.73 20.29 -30.74
CA THR D 73 -35.96 19.53 -30.95
C THR D 73 -37.16 20.23 -30.34
N TYR D 74 -37.00 20.80 -29.14
CA TYR D 74 -38.14 21.45 -28.49
C TYR D 74 -38.46 22.78 -29.15
N ARG D 75 -37.46 23.49 -29.68
CA ARG D 75 -37.74 24.75 -30.37
C ARG D 75 -38.61 24.50 -31.60
N VAL D 76 -38.25 23.51 -32.42
CA VAL D 76 -39.08 23.19 -33.58
C VAL D 76 -40.41 22.61 -33.13
N GLY D 77 -40.40 21.80 -32.05
CA GLY D 77 -41.65 21.28 -31.52
C GLY D 77 -42.67 22.36 -31.24
N LEU D 78 -42.21 23.49 -30.67
CA LEU D 78 -43.14 24.58 -30.35
C LEU D 78 -43.84 25.10 -31.59
N LYS D 79 -43.14 25.11 -32.73
CA LYS D 79 -43.76 25.53 -33.98
C LYS D 79 -44.81 24.50 -34.44
N ASN D 80 -44.47 23.21 -34.37
CA ASN D 80 -45.45 22.18 -34.70
C ASN D 80 -46.71 22.32 -33.85
N LEU D 81 -46.52 22.56 -32.54
CA LEU D 81 -47.67 22.63 -31.63
C LEU D 81 -48.55 23.83 -31.93
N ARG D 82 -47.94 24.97 -32.27
CA ARG D 82 -48.74 26.13 -32.66
C ARG D 82 -49.66 25.80 -33.83
N GLY D 83 -49.14 25.06 -34.81
CA GLY D 83 -49.95 24.68 -35.94
C GLY D 83 -51.02 23.66 -35.58
N TYR D 84 -50.71 22.73 -34.67
CA TYR D 84 -51.70 21.75 -34.26
C TYR D 84 -52.93 22.44 -33.69
N TYR D 85 -52.74 23.51 -32.93
CA TYR D 85 -53.84 24.19 -32.25
C TYR D 85 -54.32 25.42 -32.99
N ASN D 86 -53.85 25.65 -34.21
CA ASN D 86 -54.23 26.82 -35.01
C ASN D 86 -54.08 28.10 -34.20
N GLN D 87 -52.93 28.26 -33.57
CA GLN D 87 -52.66 29.42 -32.75
C GLN D 87 -51.88 30.43 -33.58
N SER D 88 -52.05 31.70 -33.24
CA SER D 88 -51.34 32.74 -33.98
C SER D 88 -49.85 32.71 -33.66
N GLU D 89 -49.07 33.34 -34.52
CA GLU D 89 -47.64 33.44 -34.28
C GLU D 89 -47.30 34.52 -33.26
N ALA D 90 -48.28 35.25 -32.74
CA ALA D 90 -48.03 36.36 -31.84
C ALA D 90 -47.87 35.94 -30.38
N GLY D 91 -48.55 34.88 -29.95
CA GLY D 91 -48.54 34.51 -28.54
C GLY D 91 -47.36 33.62 -28.17
N SER D 92 -46.93 33.76 -26.90
CA SER D 92 -45.94 32.84 -26.33
C SER D 92 -46.64 31.61 -25.79
N HIS D 93 -46.01 30.45 -25.99
CA HIS D 93 -46.56 29.19 -25.49
C HIS D 93 -45.46 28.40 -24.79
N THR D 94 -45.88 27.41 -24.00
CA THR D 94 -44.97 26.66 -23.14
C THR D 94 -45.11 25.17 -23.45
N TYR D 95 -43.99 24.50 -23.67
CA TYR D 95 -43.94 23.05 -23.87
C TYR D 95 -43.04 22.48 -22.79
N GLN D 96 -43.58 21.60 -21.94
CA GLN D 96 -42.82 21.04 -20.81
C GLN D 96 -42.73 19.53 -20.91
N SER D 97 -41.63 18.98 -20.39
CA SER D 97 -41.54 17.54 -20.20
C SER D 97 -40.88 17.27 -18.87
N MET D 98 -41.31 16.20 -18.21
CA MET D 98 -40.62 15.72 -17.04
C MET D 98 -40.49 14.21 -17.15
N TYR D 99 -39.35 13.69 -16.72
CA TYR D 99 -39.11 12.26 -16.76
C TYR D 99 -38.13 11.90 -15.64
N GLY D 100 -38.19 10.65 -15.20
CA GLY D 100 -37.28 10.23 -14.15
C GLY D 100 -37.50 8.79 -13.76
N CYS D 101 -36.69 8.33 -12.82
CA CYS D 101 -36.71 6.96 -12.35
C CYS D 101 -36.63 6.92 -10.83
N TYR D 102 -37.39 6.00 -10.23
CA TYR D 102 -37.28 5.72 -8.81
C TYR D 102 -36.55 4.41 -8.67
N LEU D 103 -35.63 4.34 -7.69
CA LEU D 103 -34.76 3.19 -7.53
C LEU D 103 -35.37 2.25 -6.49
N GLY D 104 -35.70 1.02 -6.92
CA GLY D 104 -36.34 0.06 -6.05
C GLY D 104 -35.37 -0.56 -5.06
N PRO D 105 -35.93 -1.28 -4.08
CA PRO D 105 -35.08 -1.85 -3.03
C PRO D 105 -34.19 -2.98 -3.52
N ASP D 106 -34.48 -3.52 -4.71
CA ASP D 106 -33.65 -4.53 -5.35
C ASP D 106 -32.66 -3.91 -6.35
N GLY D 107 -32.56 -2.58 -6.39
CA GLY D 107 -31.67 -1.92 -7.33
C GLY D 107 -32.20 -1.78 -8.74
N LEU D 108 -33.42 -2.23 -9.01
CA LEU D 108 -34.04 -2.08 -10.33
C LEU D 108 -34.96 -0.85 -10.36
N LEU D 109 -35.44 -0.55 -11.56
CA LEU D 109 -36.41 0.52 -11.74
C LEU D 109 -37.67 0.22 -10.93
N LEU D 110 -37.97 1.08 -9.97
CA LEU D 110 -39.24 0.95 -9.26
C LEU D 110 -40.38 1.52 -10.08
N ARG D 111 -40.24 2.77 -10.52
CA ARG D 111 -41.26 3.41 -11.34
C ARG D 111 -40.54 4.43 -12.21
N GLY D 112 -40.71 4.31 -13.51
CA GLY D 112 -40.15 5.26 -14.45
C GLY D 112 -41.31 6.02 -15.04
N TYR D 113 -41.05 7.26 -15.47
CA TYR D 113 -42.12 8.06 -16.00
C TYR D 113 -41.56 9.01 -17.04
N ARG D 114 -42.43 9.40 -17.97
CA ARG D 114 -42.14 10.42 -18.98
C ARG D 114 -43.47 11.04 -19.38
N GLN D 115 -43.60 12.35 -19.19
CA GLN D 115 -44.84 13.06 -19.44
C GLN D 115 -44.53 14.39 -20.11
N TYR D 116 -45.53 14.92 -20.81
CA TYR D 116 -45.41 16.19 -21.52
C TYR D 116 -46.64 17.04 -21.28
N ALA D 117 -46.46 18.36 -21.35
CA ALA D 117 -47.58 19.29 -21.23
C ALA D 117 -47.44 20.41 -22.25
N TYR D 118 -48.58 20.93 -22.70
CA TYR D 118 -48.60 22.09 -23.56
C TYR D 118 -49.45 23.17 -22.89
N ASP D 119 -48.85 24.33 -22.65
CA ASP D 119 -49.50 25.46 -21.96
C ASP D 119 -50.07 25.04 -20.61
N GLY D 120 -49.32 24.20 -19.91
CA GLY D 120 -49.67 23.79 -18.57
C GLY D 120 -50.66 22.64 -18.46
N ALA D 121 -51.12 22.08 -19.57
CA ALA D 121 -52.10 20.99 -19.55
C ALA D 121 -51.47 19.72 -20.07
N ASP D 122 -51.79 18.59 -19.44
CA ASP D 122 -51.31 17.30 -19.90
C ASP D 122 -51.52 17.18 -21.42
N TYR D 123 -50.47 16.73 -22.10
CA TYR D 123 -50.49 16.61 -23.55
C TYR D 123 -50.37 15.13 -23.93
N ILE D 124 -49.26 14.49 -23.61
CA ILE D 124 -49.11 13.06 -23.84
C ILE D 124 -48.23 12.51 -22.72
N ALA D 125 -48.45 11.25 -22.39
CA ALA D 125 -47.73 10.61 -21.30
C ALA D 125 -47.44 9.16 -21.68
N LEU D 126 -46.27 8.69 -21.26
CA LEU D 126 -45.93 7.28 -21.37
C LEU D 126 -46.67 6.50 -20.31
N ASN D 127 -47.34 5.41 -20.71
CA ASN D 127 -48.11 4.65 -19.75
C ASN D 127 -47.19 3.88 -18.80
N GLU D 128 -47.77 3.36 -17.72
CA GLU D 128 -47.00 2.64 -16.71
C GLU D 128 -46.27 1.43 -17.31
N ASP D 129 -46.84 0.79 -18.33
CA ASP D 129 -46.16 -0.34 -18.95
C ASP D 129 -44.89 0.06 -19.69
N LEU D 130 -44.64 1.36 -19.85
CA LEU D 130 -43.51 1.89 -20.62
C LEU D 130 -43.53 1.38 -22.06
N ARG D 131 -44.71 1.03 -22.57
CA ARG D 131 -44.85 0.50 -23.92
C ARG D 131 -45.86 1.23 -24.78
N SER D 132 -46.73 2.05 -24.21
CA SER D 132 -47.76 2.73 -24.98
C SER D 132 -47.94 4.13 -24.42
N TRP D 133 -48.64 4.95 -25.18
CA TRP D 133 -48.86 6.36 -24.87
C TRP D 133 -50.34 6.64 -24.63
N THR D 134 -50.61 7.60 -23.76
CA THR D 134 -51.93 8.20 -23.63
C THR D 134 -51.88 9.65 -24.07
N ALA D 135 -52.70 9.99 -25.07
CA ALA D 135 -52.78 11.33 -25.63
C ALA D 135 -54.05 12.03 -25.12
N ALA D 136 -53.91 13.32 -24.81
CA ALA D 136 -54.98 14.03 -24.12
C ALA D 136 -56.02 14.63 -25.05
N ASP D 137 -55.68 14.88 -26.31
CA ASP D 137 -56.62 15.53 -27.22
C ASP D 137 -56.22 15.19 -28.64
N THR D 138 -56.92 15.80 -29.60
CA THR D 138 -56.70 15.52 -31.00
C THR D 138 -55.28 15.86 -31.44
N ALA D 139 -54.75 16.97 -30.94
CA ALA D 139 -53.39 17.36 -31.28
C ALA D 139 -52.39 16.29 -30.86
N ALA D 140 -52.46 15.90 -29.57
CA ALA D 140 -51.56 14.87 -29.04
C ALA D 140 -51.71 13.54 -29.75
N GLN D 141 -52.85 13.27 -30.39
CA GLN D 141 -52.98 12.05 -31.17
C GLN D 141 -52.08 12.07 -32.39
N ILE D 142 -51.82 13.24 -32.97
CA ILE D 142 -50.87 13.33 -34.07
C ILE D 142 -49.49 12.90 -33.61
N THR D 143 -49.05 13.47 -32.49
CA THR D 143 -47.76 13.09 -31.90
C THR D 143 -47.74 11.61 -31.54
N LYS D 144 -48.83 11.10 -30.97
CA LYS D 144 -48.88 9.69 -30.58
C LYS D 144 -48.59 8.78 -31.75
N ARG D 145 -49.25 9.03 -32.90
CA ARG D 145 -49.06 8.15 -34.05
C ARG D 145 -47.65 8.26 -34.62
N LYS D 146 -47.07 9.46 -34.61
CA LYS D 146 -45.69 9.62 -35.05
C LYS D 146 -44.74 8.84 -34.16
N TRP D 147 -44.94 8.92 -32.84
CA TRP D 147 -44.06 8.23 -31.90
C TRP D 147 -44.31 6.73 -31.89
N GLU D 148 -45.53 6.28 -32.19
CA GLU D 148 -45.76 4.85 -32.36
C GLU D 148 -45.07 4.33 -33.63
N THR D 149 -45.22 5.06 -34.74
CA THR D 149 -44.55 4.68 -35.98
C THR D 149 -43.04 4.53 -35.79
N ALA D 150 -42.44 5.42 -34.99
CA ALA D 150 -40.99 5.40 -34.79
C ALA D 150 -40.54 4.56 -33.60
N ASN D 151 -41.45 3.84 -32.93
CA ASN D 151 -41.11 2.98 -31.78
C ASN D 151 -40.36 3.76 -30.70
N VAL D 152 -40.85 4.97 -30.41
CA VAL D 152 -40.22 5.85 -29.43
C VAL D 152 -40.30 5.25 -28.03
N ALA D 153 -41.43 4.59 -27.70
CA ALA D 153 -41.59 4.06 -26.35
C ALA D 153 -40.46 3.12 -25.97
N GLU D 154 -39.98 2.32 -26.92
CA GLU D 154 -38.87 1.42 -26.60
C GLU D 154 -37.66 2.22 -26.16
N ARG D 155 -37.39 3.35 -26.82
CA ARG D 155 -36.29 4.23 -26.42
C ARG D 155 -36.46 4.68 -24.98
N ARG D 156 -37.63 5.23 -24.65
CA ARG D 156 -37.88 5.73 -23.30
C ARG D 156 -37.72 4.62 -22.28
N ARG D 157 -38.30 3.43 -22.57
CA ARG D 157 -38.23 2.32 -21.62
C ARG D 157 -36.79 1.89 -21.37
N SER D 158 -35.98 1.81 -22.43
CA SER D 158 -34.59 1.39 -22.28
C SER D 158 -33.78 2.41 -21.47
N TYR D 159 -34.01 3.70 -21.71
CA TYR D 159 -33.37 4.71 -20.88
C TYR D 159 -33.82 4.59 -19.41
N LEU D 160 -35.13 4.50 -19.17
CA LEU D 160 -35.64 4.49 -17.80
C LEU D 160 -35.14 3.28 -17.03
N GLN D 161 -35.09 2.11 -17.67
CA GLN D 161 -34.62 0.92 -16.98
C GLN D 161 -33.11 0.87 -16.87
N GLY D 162 -32.39 1.55 -17.76
CA GLY D 162 -30.94 1.43 -17.83
C GLY D 162 -30.14 2.62 -17.32
N LEU D 163 -29.82 3.55 -18.22
CA LEU D 163 -28.97 4.70 -17.87
C LEU D 163 -29.55 5.53 -16.72
N CYS D 164 -30.88 5.66 -16.65
CA CYS D 164 -31.45 6.49 -15.58
C CYS D 164 -31.13 5.91 -14.22
N VAL D 165 -31.38 4.61 -14.05
CA VAL D 165 -31.12 3.92 -12.80
C VAL D 165 -29.63 3.87 -12.52
N GLU D 166 -28.82 3.57 -13.54
CA GLU D 166 -27.38 3.46 -13.34
C GLU D 166 -26.75 4.79 -12.95
N SER D 167 -27.18 5.89 -13.58
CA SER D 167 -26.59 7.17 -13.24
C SER D 167 -27.09 7.65 -11.90
N LEU D 168 -28.37 7.40 -11.59
CA LEU D 168 -28.87 7.67 -10.25
C LEU D 168 -28.03 6.96 -9.20
N ARG D 169 -27.72 5.68 -9.43
CA ARG D 169 -26.90 4.96 -8.46
C ARG D 169 -25.52 5.61 -8.31
N GLU D 170 -24.90 6.01 -9.44
CA GLU D 170 -23.62 6.70 -9.38
C GLU D 170 -23.70 7.99 -8.58
N TYR D 171 -24.76 8.78 -8.82
CA TYR D 171 -24.89 10.06 -8.12
C TYR D 171 -25.08 9.85 -6.63
N LEU D 172 -25.84 8.82 -6.25
CA LEU D 172 -26.09 8.60 -4.84
C LEU D 172 -24.79 8.36 -4.10
N GLU D 173 -23.85 7.66 -4.74
CA GLU D 173 -22.55 7.38 -4.14
C GLU D 173 -21.66 8.62 -4.14
N MET D 174 -21.60 9.33 -5.28
CA MET D 174 -20.79 10.56 -5.35
C MET D 174 -21.20 11.56 -4.28
N GLY D 175 -22.50 11.74 -4.09
CA GLY D 175 -22.97 12.70 -3.12
C GLY D 175 -23.52 12.06 -1.87
N LYS D 176 -22.95 10.91 -1.48
CA LYS D 176 -23.50 10.15 -0.35
C LYS D 176 -23.50 10.96 0.94
N ASP D 177 -22.50 11.83 1.13
CA ASP D 177 -22.39 12.52 2.41
C ASP D 177 -23.50 13.54 2.60
N THR D 178 -24.13 13.99 1.53
CA THR D 178 -25.28 14.87 1.61
C THR D 178 -26.59 14.22 1.17
N LEU D 179 -26.57 13.42 0.10
CA LEU D 179 -27.81 12.86 -0.41
C LEU D 179 -28.35 11.71 0.44
N GLN D 180 -27.49 11.00 1.16
CA GLN D 180 -27.90 9.83 1.93
C GLN D 180 -27.79 10.06 3.43
N ARG D 181 -27.68 11.31 3.85
CA ARG D 181 -27.63 11.68 5.26
C ARG D 181 -28.79 12.61 5.54
N ALA D 182 -29.75 12.15 6.34
CA ALA D 182 -30.88 12.98 6.71
C ALA D 182 -30.44 14.06 7.69
N GLU D 183 -30.94 15.27 7.46
CA GLU D 183 -30.69 16.41 8.34
C GLU D 183 -31.97 16.70 9.12
N PRO D 184 -32.02 16.45 10.42
CA PRO D 184 -33.26 16.62 11.18
C PRO D 184 -33.62 18.08 11.34
N PRO D 185 -34.90 18.38 11.51
CA PRO D 185 -35.29 19.79 11.73
C PRO D 185 -34.82 20.30 13.07
N LYS D 186 -34.44 21.57 13.11
CA LYS D 186 -34.38 22.32 14.35
C LYS D 186 -35.77 22.87 14.62
N THR D 187 -36.28 22.65 15.82
CA THR D 187 -37.67 22.95 16.12
C THR D 187 -37.79 23.89 17.30
N HIS D 188 -38.83 24.71 17.29
CA HIS D 188 -39.20 25.51 18.46
C HIS D 188 -40.61 26.02 18.27
N VAL D 189 -41.21 26.47 19.37
CA VAL D 189 -42.57 26.98 19.38
C VAL D 189 -42.51 28.44 19.81
N THR D 190 -43.23 29.29 19.08
CA THR D 190 -43.35 30.69 19.44
C THR D 190 -44.81 31.00 19.75
N ARG D 191 -45.03 32.09 20.48
CA ARG D 191 -46.37 32.54 20.85
C ARG D 191 -46.55 33.99 20.43
N HIS D 192 -47.76 34.32 19.97
CA HIS D 192 -48.04 35.62 19.37
C HIS D 192 -49.47 36.01 19.70
N PRO D 193 -49.75 37.30 19.88
CA PRO D 193 -51.14 37.73 20.04
C PRO D 193 -51.97 37.39 18.81
N SER D 194 -53.27 37.16 19.03
CA SER D 194 -54.15 36.83 17.92
C SER D 194 -55.39 37.74 17.88
N SER D 195 -56.37 37.45 18.73
CA SER D 195 -57.63 38.19 18.72
C SER D 195 -58.23 38.17 20.12
N ASP D 196 -59.54 38.39 20.20
CA ASP D 196 -60.27 38.47 21.46
C ASP D 196 -59.99 37.26 22.34
N LEU D 197 -60.53 36.10 21.96
CA LEU D 197 -60.26 34.86 22.69
C LEU D 197 -59.23 34.07 21.89
N GLY D 198 -57.95 34.25 22.26
CA GLY D 198 -56.90 33.40 21.74
C GLY D 198 -55.53 34.01 21.50
N VAL D 199 -54.49 33.23 21.79
CA VAL D 199 -53.13 33.52 21.36
C VAL D 199 -52.71 32.43 20.38
N THR D 200 -51.79 32.79 19.48
CA THR D 200 -51.29 31.86 18.48
C THR D 200 -50.05 31.15 19.00
N LEU D 201 -49.99 29.84 18.80
CA LEU D 201 -48.77 29.07 18.98
C LEU D 201 -48.30 28.61 17.61
N ARG D 202 -47.05 28.90 17.26
CA ARG D 202 -46.52 28.54 15.94
C ARG D 202 -45.35 27.58 16.16
N CYS D 203 -45.45 26.39 15.58
CA CYS D 203 -44.43 25.36 15.71
C CYS D 203 -43.56 25.36 14.46
N TRP D 204 -42.26 25.64 14.64
CA TRP D 204 -41.32 25.79 13.53
C TRP D 204 -40.46 24.54 13.37
N ALA D 205 -40.21 24.16 12.12
CA ALA D 205 -39.22 23.14 11.78
C ALA D 205 -38.29 23.70 10.73
N LEU D 206 -37.02 23.86 11.06
CA LEU D 206 -36.07 24.57 10.22
C LEU D 206 -34.89 23.67 9.87
N GLY D 207 -34.37 23.84 8.66
CA GLY D 207 -33.11 23.26 8.27
C GLY D 207 -33.09 21.76 8.05
N PHE D 208 -34.22 21.18 7.68
CA PHE D 208 -34.30 19.72 7.52
C PHE D 208 -34.16 19.32 6.05
N TYR D 209 -33.74 18.06 5.87
CA TYR D 209 -33.59 17.42 4.57
C TYR D 209 -33.71 15.93 4.81
N PRO D 210 -34.45 15.17 3.98
CA PRO D 210 -35.19 15.66 2.80
C PRO D 210 -36.47 16.43 3.12
N LYS D 211 -37.21 16.74 2.05
CA LYS D 211 -38.33 17.68 2.11
C LYS D 211 -39.51 17.13 2.92
N GLU D 212 -39.78 15.83 2.82
CA GLU D 212 -40.96 15.23 3.45
C GLU D 212 -40.92 15.39 4.98
N ILE D 213 -42.04 15.85 5.55
CA ILE D 213 -42.14 16.06 6.99
C ILE D 213 -43.61 16.07 7.37
N SER D 214 -43.89 15.73 8.63
CA SER D 214 -45.24 15.82 9.18
C SER D 214 -45.19 16.70 10.43
N LEU D 215 -45.90 17.83 10.37
CA LEU D 215 -46.03 18.75 11.48
C LEU D 215 -47.49 18.78 11.89
N THR D 216 -47.77 18.37 13.13
CA THR D 216 -49.15 18.36 13.61
C THR D 216 -49.19 18.95 15.01
N TRP D 217 -50.38 19.39 15.39
CA TRP D 217 -50.67 19.83 16.75
C TRP D 217 -51.62 18.82 17.39
N GLN D 218 -51.46 18.60 18.69
CA GLN D 218 -52.34 17.74 19.47
C GLN D 218 -52.83 18.50 20.68
N ARG D 219 -54.04 18.19 21.11
CA ARG D 219 -54.63 18.78 22.32
C ARG D 219 -54.88 17.65 23.31
N GLU D 220 -54.21 17.72 24.46
CA GLU D 220 -54.22 16.68 25.48
C GLU D 220 -54.12 15.27 24.89
N GLY D 221 -53.21 15.09 23.92
CA GLY D 221 -52.96 13.79 23.36
C GLY D 221 -53.78 13.41 22.14
N GLN D 222 -54.82 14.18 21.81
CA GLN D 222 -55.65 13.90 20.64
C GLN D 222 -55.30 14.89 19.53
N ASP D 223 -55.33 14.42 18.28
CA ASP D 223 -54.97 15.28 17.18
C ASP D 223 -55.87 16.51 17.13
N GLN D 224 -55.29 17.64 16.69
CA GLN D 224 -55.94 18.95 16.69
C GLN D 224 -55.73 19.55 15.30
N SER D 225 -56.58 19.16 14.34
CA SER D 225 -56.31 19.43 12.94
C SER D 225 -57.38 20.28 12.25
N GLN D 226 -58.28 20.94 13.01
CA GLN D 226 -59.40 21.51 12.28
C GLN D 226 -59.17 22.99 11.94
N ASP D 227 -58.56 23.78 12.82
CA ASP D 227 -58.28 25.17 12.51
C ASP D 227 -56.80 25.52 12.64
N MET D 228 -55.95 24.55 12.33
CA MET D 228 -54.51 24.80 12.31
C MET D 228 -54.09 25.36 10.96
N GLU D 229 -53.19 26.35 10.98
CA GLU D 229 -52.64 26.92 9.75
C GLU D 229 -51.28 26.28 9.46
N LEU D 230 -51.13 25.74 8.23
CA LEU D 230 -49.96 24.96 7.85
C LEU D 230 -49.42 25.48 6.52
N VAL D 231 -48.23 26.12 6.53
CA VAL D 231 -47.68 26.69 5.29
C VAL D 231 -47.01 25.60 4.48
N GLU D 232 -47.02 25.78 3.16
CA GLU D 232 -46.28 24.90 2.25
C GLU D 232 -44.80 24.84 2.63
N THR D 233 -44.23 23.63 2.55
CA THR D 233 -42.80 23.47 2.80
C THR D 233 -42.01 24.32 1.82
N ARG D 234 -41.01 25.02 2.33
CA ARG D 234 -40.35 26.05 1.56
C ARG D 234 -38.84 25.93 1.70
N PRO D 235 -38.09 26.30 0.66
CA PRO D 235 -36.64 26.08 0.68
C PRO D 235 -35.95 27.09 1.58
N SER D 236 -34.95 26.60 2.34
CA SER D 236 -34.18 27.48 3.20
C SER D 236 -33.18 28.33 2.42
N GLY D 237 -32.77 27.88 1.24
CA GLY D 237 -31.77 28.55 0.46
C GLY D 237 -30.42 27.85 0.48
N ASP D 238 -30.20 26.94 1.43
CA ASP D 238 -28.94 26.20 1.54
C ASP D 238 -29.10 24.73 1.18
N GLY D 239 -30.20 24.37 0.54
CA GLY D 239 -30.46 22.97 0.22
C GLY D 239 -31.36 22.25 1.21
N THR D 240 -31.70 22.88 2.35
CA THR D 240 -32.63 22.32 3.32
C THR D 240 -34.00 23.00 3.17
N PHE D 241 -34.94 22.66 4.06
CA PHE D 241 -36.31 23.12 3.94
C PHE D 241 -36.81 23.63 5.29
N GLN D 242 -37.92 24.37 5.24
CA GLN D 242 -38.59 24.82 6.46
C GLN D 242 -40.09 24.67 6.34
N LYS D 243 -40.74 24.66 7.49
CA LYS D 243 -42.19 24.58 7.58
C LYS D 243 -42.61 25.05 8.97
N TRP D 244 -43.81 25.61 9.06
CA TRP D 244 -44.41 25.81 10.38
C TRP D 244 -45.89 25.45 10.35
N ALA D 245 -46.42 25.20 11.54
CA ALA D 245 -47.83 24.90 11.78
C ALA D 245 -48.26 25.71 13.00
N ALA D 246 -49.37 26.44 12.87
CA ALA D 246 -49.81 27.32 13.94
C ALA D 246 -51.26 27.02 14.29
N LEU D 247 -51.66 27.44 15.50
CA LEU D 247 -53.06 27.36 15.87
C LEU D 247 -53.33 28.36 16.99
N VAL D 248 -54.59 28.76 17.12
CA VAL D 248 -55.02 29.69 18.15
C VAL D 248 -55.57 28.88 19.32
N VAL D 249 -55.07 29.19 20.53
CA VAL D 249 -55.44 28.45 21.73
C VAL D 249 -55.93 29.45 22.77
N PRO D 250 -56.68 29.00 23.77
CA PRO D 250 -57.17 29.93 24.79
C PRO D 250 -56.04 30.36 25.71
N PRO D 251 -56.01 31.64 26.09
CA PRO D 251 -54.93 32.12 26.96
C PRO D 251 -54.94 31.37 28.29
N GLY D 252 -53.75 31.01 28.75
CA GLY D 252 -53.59 30.19 29.93
C GLY D 252 -53.67 28.69 29.68
N GLU D 253 -54.16 28.26 28.51
CA GLU D 253 -54.30 26.85 28.21
C GLU D 253 -53.16 26.31 27.36
N GLU D 254 -52.05 27.04 27.24
CA GLU D 254 -51.01 26.66 26.29
C GLU D 254 -50.42 25.29 26.59
N GLN D 255 -50.41 24.88 27.85
CA GLN D 255 -49.72 23.64 28.20
C GLN D 255 -50.49 22.39 27.79
N SER D 256 -51.75 22.52 27.38
CA SER D 256 -52.50 21.36 26.92
C SER D 256 -52.28 21.08 25.44
N TYR D 257 -51.40 21.81 24.77
CA TYR D 257 -51.15 21.64 23.35
C TYR D 257 -49.70 21.21 23.12
N THR D 258 -49.52 20.22 22.25
CA THR D 258 -48.21 19.71 21.90
C THR D 258 -48.08 19.70 20.38
N CYS D 259 -46.88 20.05 19.91
CA CYS D 259 -46.56 19.97 18.49
C CYS D 259 -45.84 18.66 18.22
N HIS D 260 -46.21 17.98 17.13
CA HIS D 260 -45.64 16.68 16.82
C HIS D 260 -44.95 16.74 15.48
N VAL D 261 -43.70 16.31 15.45
CA VAL D 261 -42.86 16.37 14.26
C VAL D 261 -42.41 14.96 13.93
N GLN D 262 -42.63 14.55 12.69
CA GLN D 262 -42.07 13.31 12.18
C GLN D 262 -41.17 13.62 11.01
N HIS D 263 -39.93 13.15 11.07
CA HIS D 263 -38.97 13.34 9.99
C HIS D 263 -37.91 12.25 10.02
N GLU D 264 -37.47 11.87 8.81
CA GLU D 264 -36.40 10.91 8.54
C GLU D 264 -35.19 11.08 9.45
N GLY D 265 -34.77 12.32 9.70
CA GLY D 265 -33.58 12.55 10.49
C GLY D 265 -33.79 12.40 11.98
N LEU D 266 -35.02 12.19 12.42
CA LEU D 266 -35.36 12.02 13.83
C LEU D 266 -35.43 10.54 14.16
N GLN D 267 -34.78 10.15 15.25
CA GLN D 267 -34.82 8.75 15.67
C GLN D 267 -36.21 8.37 16.16
N GLU D 268 -36.73 9.09 17.13
CA GLU D 268 -38.09 8.92 17.62
C GLU D 268 -38.96 10.10 17.18
N PRO D 269 -40.28 9.93 17.13
CA PRO D 269 -41.16 11.08 16.89
C PRO D 269 -40.92 12.16 17.95
N LEU D 270 -40.95 13.40 17.52
CA LEU D 270 -40.63 14.53 18.39
C LEU D 270 -41.90 15.22 18.85
N THR D 271 -41.97 15.49 20.14
CA THR D 271 -43.04 16.28 20.73
C THR D 271 -42.41 17.51 21.38
N LEU D 272 -43.02 18.67 21.16
CA LEU D 272 -42.54 19.88 21.81
C LEU D 272 -43.72 20.79 22.11
N ARG D 273 -43.49 21.77 22.98
CA ARG D 273 -44.54 22.60 23.55
C ARG D 273 -44.04 24.04 23.65
N TRP D 274 -44.97 24.95 23.95
CA TRP D 274 -44.59 26.30 24.34
C TRP D 274 -43.96 26.26 25.73
N ASP D 275 -42.79 26.89 25.87
CA ASP D 275 -42.15 27.05 27.17
C ASP D 275 -41.90 28.55 27.43
N VAL E 3 -56.51 28.45 -18.78
CA VAL E 3 -56.50 29.51 -17.79
C VAL E 3 -55.16 29.54 -17.05
N ALA E 4 -54.56 30.72 -16.97
CA ALA E 4 -53.31 30.86 -16.24
C ALA E 4 -53.54 30.62 -14.75
N ARG E 5 -52.46 30.26 -14.07
CA ARG E 5 -52.51 30.01 -12.64
C ARG E 5 -51.70 31.05 -11.90
N PRO E 6 -52.27 31.68 -10.87
CA PRO E 6 -51.58 32.76 -10.19
C PRO E 6 -50.52 32.24 -9.22
N PRO E 7 -49.52 33.06 -8.92
CA PRO E 7 -48.47 32.65 -7.99
C PRO E 7 -48.89 32.71 -6.52
N LYS E 8 -48.41 31.74 -5.75
CA LYS E 8 -48.36 31.83 -4.29
C LYS E 8 -47.01 32.38 -3.86
N VAL E 9 -46.99 33.14 -2.76
CA VAL E 9 -45.79 33.87 -2.36
C VAL E 9 -45.58 33.70 -0.86
N GLN E 10 -44.36 33.29 -0.48
CA GLN E 10 -43.94 33.28 0.91
C GLN E 10 -42.65 34.08 1.05
N VAL E 11 -42.58 34.93 2.06
CA VAL E 11 -41.39 35.73 2.33
C VAL E 11 -40.93 35.43 3.75
N TYR E 12 -39.66 35.11 3.91
CA TYR E 12 -39.21 34.54 5.18
C TYR E 12 -37.69 34.53 5.22
N SER E 13 -37.14 34.47 6.43
CA SER E 13 -35.69 34.41 6.59
C SER E 13 -35.22 32.97 6.71
N ARG E 14 -33.95 32.75 6.40
CA ARG E 14 -33.39 31.41 6.46
C ARG E 14 -33.30 30.93 7.91
N HIS E 15 -32.96 31.83 8.81
CA HIS E 15 -32.81 31.59 10.25
C HIS E 15 -33.71 32.55 11.00
N PRO E 16 -34.12 32.20 12.22
CA PRO E 16 -34.90 33.15 13.04
C PRO E 16 -34.18 34.49 13.12
N ALA E 17 -34.92 35.57 12.87
CA ALA E 17 -34.27 36.87 12.77
C ALA E 17 -33.82 37.35 14.16
N GLU E 18 -32.62 37.91 14.19
CA GLU E 18 -32.03 38.49 15.39
C GLU E 18 -31.42 39.82 14.96
N ASN E 19 -31.94 40.92 15.50
CA ASN E 19 -31.53 42.25 15.06
C ASN E 19 -30.03 42.41 15.06
N GLY E 20 -29.48 42.85 13.93
CA GLY E 20 -28.05 43.03 13.79
C GLY E 20 -27.26 41.78 13.49
N LYS E 21 -27.91 40.62 13.28
CA LYS E 21 -27.16 39.42 12.95
C LYS E 21 -27.39 39.05 11.49
N PRO E 22 -26.31 38.77 10.75
CA PRO E 22 -26.45 38.42 9.33
C PRO E 22 -27.35 37.20 9.11
N ASN E 23 -28.11 37.25 8.02
CA ASN E 23 -29.12 36.24 7.74
C ASN E 23 -29.31 36.21 6.22
N TYR E 24 -30.31 35.46 5.76
CA TYR E 24 -30.69 35.41 4.35
C TYR E 24 -32.19 35.64 4.26
N LEU E 25 -32.60 36.47 3.30
CA LEU E 25 -34.00 36.76 3.04
C LEU E 25 -34.47 36.01 1.81
N ASN E 26 -35.62 35.35 1.91
CA ASN E 26 -36.15 34.49 0.86
C ASN E 26 -37.52 34.95 0.40
N CYS E 27 -37.75 34.90 -0.90
CA CYS E 27 -39.09 35.04 -1.48
C CYS E 27 -39.33 33.81 -2.33
N TYR E 28 -40.21 32.93 -1.86
CA TYR E 28 -40.50 31.67 -2.53
C TYR E 28 -41.82 31.82 -3.26
N VAL E 29 -41.80 31.65 -4.58
CA VAL E 29 -42.96 31.89 -5.43
C VAL E 29 -43.27 30.64 -6.20
N SER E 30 -44.51 30.17 -6.11
CA SER E 30 -44.81 28.82 -6.62
C SER E 30 -46.23 28.75 -7.13
N GLY E 31 -46.50 27.70 -7.91
CA GLY E 31 -47.84 27.39 -8.38
C GLY E 31 -48.33 28.19 -9.57
N PHE E 32 -47.46 28.93 -10.24
CA PHE E 32 -47.89 29.83 -11.32
C PHE E 32 -47.66 29.21 -12.68
N HIS E 33 -48.40 29.73 -13.66
CA HIS E 33 -48.32 29.35 -15.06
C HIS E 33 -49.02 30.46 -15.83
N PRO E 34 -48.43 31.00 -16.92
CA PRO E 34 -47.17 30.67 -17.59
C PRO E 34 -45.93 31.09 -16.78
N PRO E 35 -44.73 30.69 -17.23
CA PRO E 35 -43.54 30.94 -16.39
C PRO E 35 -43.07 32.38 -16.37
N GLN E 36 -43.48 33.22 -17.32
CA GLN E 36 -43.04 34.62 -17.32
C GLN E 36 -43.46 35.31 -16.02
N ILE E 37 -42.48 35.80 -15.26
CA ILE E 37 -42.79 36.42 -13.97
C ILE E 37 -41.63 37.34 -13.56
N GLU E 38 -41.95 38.34 -12.75
CA GLU E 38 -40.95 39.24 -12.20
C GLU E 38 -41.07 39.21 -10.68
N ILE E 39 -40.00 38.79 -10.01
CA ILE E 39 -39.99 38.65 -8.56
C ILE E 39 -38.86 39.52 -8.02
N ASP E 40 -39.19 40.51 -7.20
CA ASP E 40 -38.21 41.42 -6.63
C ASP E 40 -38.30 41.42 -5.11
N LEU E 41 -37.17 41.22 -4.46
CA LEU E 41 -37.08 41.52 -3.04
C LEU E 41 -36.81 43.02 -2.87
N LEU E 42 -37.55 43.66 -1.98
CA LEU E 42 -37.45 45.11 -1.77
C LEU E 42 -36.97 45.40 -0.36
N LYS E 43 -36.05 46.36 -0.24
CA LYS E 43 -35.63 46.94 1.03
C LYS E 43 -36.16 48.37 1.10
N ASN E 44 -37.06 48.62 2.05
CA ASN E 44 -37.72 49.93 2.17
C ASN E 44 -38.23 50.42 0.82
N GLY E 45 -38.88 49.53 0.07
CA GLY E 45 -39.45 49.84 -1.22
C GLY E 45 -38.51 49.77 -2.41
N GLU E 46 -37.20 49.65 -2.18
CA GLU E 46 -36.21 49.70 -3.23
C GLU E 46 -35.76 48.30 -3.62
N LYS E 47 -35.64 48.05 -4.92
CA LYS E 47 -35.31 46.71 -5.38
C LYS E 47 -33.91 46.30 -4.91
N MET E 48 -33.80 45.10 -4.35
CA MET E 48 -32.51 44.54 -3.99
C MET E 48 -31.99 43.70 -5.16
N ASN E 49 -30.67 43.65 -5.29
CA ASN E 49 -30.08 42.81 -6.34
C ASN E 49 -30.01 41.37 -5.87
N ALA E 50 -31.18 40.73 -5.77
CA ALA E 50 -31.27 39.38 -5.24
C ALA E 50 -31.12 38.32 -6.33
N GLU E 51 -30.61 37.16 -5.94
CA GLU E 51 -30.38 36.05 -6.85
C GLU E 51 -31.67 35.26 -7.07
N GLN E 52 -31.83 34.70 -8.27
CA GLN E 52 -33.00 33.88 -8.58
C GLN E 52 -32.59 32.47 -9.01
N SER E 53 -33.32 31.48 -8.51
CA SER E 53 -33.03 30.08 -8.79
C SER E 53 -33.39 29.73 -10.23
N ASP E 54 -32.99 28.53 -10.63
CA ASP E 54 -33.29 28.01 -11.97
C ASP E 54 -34.75 27.63 -12.08
N LEU E 55 -35.36 27.96 -13.22
CA LEU E 55 -36.76 27.64 -13.45
C LEU E 55 -37.02 26.15 -13.35
N SER E 56 -37.91 25.76 -12.43
CA SER E 56 -38.34 24.38 -12.28
C SER E 56 -39.85 24.36 -12.09
N PHE E 57 -40.41 23.16 -12.01
CA PHE E 57 -41.86 23.04 -11.83
C PHE E 57 -42.21 21.76 -11.10
N SER E 58 -43.42 21.73 -10.56
CA SER E 58 -43.94 20.63 -9.76
C SER E 58 -44.71 19.67 -10.66
N LYS E 59 -45.25 18.61 -10.03
CA LYS E 59 -45.90 17.55 -10.77
C LYS E 59 -47.17 18.02 -11.49
N ASP E 60 -47.78 19.10 -11.03
CA ASP E 60 -48.94 19.64 -11.73
C ASP E 60 -48.56 20.64 -12.82
N TRP E 61 -47.27 20.75 -13.15
CA TRP E 61 -46.66 21.57 -14.21
C TRP E 61 -46.51 23.04 -13.81
N SER E 62 -46.96 23.44 -12.64
CA SER E 62 -46.82 24.84 -12.22
C SER E 62 -45.40 25.10 -11.71
N PHE E 63 -44.94 26.33 -11.94
CA PHE E 63 -43.54 26.68 -11.75
C PHE E 63 -43.29 27.17 -10.33
N TYR E 64 -42.04 27.04 -9.91
CA TYR E 64 -41.61 27.63 -8.65
C TYR E 64 -40.22 28.24 -8.81
N LEU E 65 -39.98 29.29 -8.04
CA LEU E 65 -38.76 30.08 -8.10
C LEU E 65 -38.44 30.56 -6.69
N LEU E 66 -37.15 30.61 -6.36
CA LEU E 66 -36.67 31.21 -5.11
C LEU E 66 -35.83 32.44 -5.46
N VAL E 67 -36.22 33.59 -4.92
CA VAL E 67 -35.41 34.80 -4.95
C VAL E 67 -34.89 35.05 -3.54
N HIS E 68 -33.58 35.34 -3.43
CA HIS E 68 -32.96 35.36 -2.11
C HIS E 68 -31.69 36.20 -2.14
N THR E 69 -31.37 36.77 -0.97
CA THR E 69 -30.15 37.56 -0.84
C THR E 69 -29.79 37.65 0.62
N GLU E 70 -28.53 38.00 0.87
CA GLU E 70 -28.10 38.26 2.24
C GLU E 70 -28.76 39.51 2.79
N PHE E 71 -29.03 39.50 4.10
CA PHE E 71 -29.49 40.72 4.75
C PHE E 71 -29.22 40.60 6.24
N THR E 72 -29.23 41.76 6.90
CA THR E 72 -29.01 41.86 8.34
C THR E 72 -30.21 42.62 8.88
N PRO E 73 -31.21 41.94 9.40
CA PRO E 73 -32.42 42.63 9.84
C PRO E 73 -32.10 43.54 11.03
N ASN E 74 -32.89 44.60 11.15
CA ASN E 74 -32.81 45.45 12.33
C ASN E 74 -34.23 45.84 12.68
N ALA E 75 -34.37 46.84 13.55
CA ALA E 75 -35.68 47.22 14.04
C ALA E 75 -36.41 48.19 13.13
N VAL E 76 -35.76 48.74 12.09
CA VAL E 76 -36.32 49.81 11.30
C VAL E 76 -36.53 49.42 9.85
N ASP E 77 -35.59 48.69 9.25
CA ASP E 77 -35.71 48.37 7.83
C ASP E 77 -36.89 47.48 7.56
N GLN E 78 -37.64 47.80 6.50
CA GLN E 78 -38.79 47.05 6.05
C GLN E 78 -38.43 46.30 4.78
N TYR E 79 -38.80 45.02 4.73
CA TYR E 79 -38.52 44.15 3.58
C TYR E 79 -39.82 43.57 3.07
N SER E 80 -39.87 43.35 1.76
CA SER E 80 -41.07 42.81 1.14
C SER E 80 -40.67 42.17 -0.18
N CYS E 81 -41.64 41.46 -0.76
CA CYS E 81 -41.47 40.82 -2.05
C CYS E 81 -42.58 41.28 -2.98
N ARG E 82 -42.19 41.74 -4.17
CA ARG E 82 -43.14 42.25 -5.16
C ARG E 82 -43.17 41.31 -6.35
N VAL E 83 -44.36 40.86 -6.75
CA VAL E 83 -44.49 39.88 -7.82
C VAL E 83 -45.43 40.40 -8.90
N LYS E 84 -44.97 40.36 -10.15
CA LYS E 84 -45.77 40.71 -11.32
C LYS E 84 -45.97 39.47 -12.19
N HIS E 85 -47.22 39.22 -12.56
CA HIS E 85 -47.56 38.06 -13.35
C HIS E 85 -48.83 38.37 -14.12
N VAL E 86 -49.02 37.70 -15.26
CA VAL E 86 -50.17 37.97 -16.12
C VAL E 86 -51.49 37.83 -15.35
N THR E 87 -51.50 37.00 -14.29
CA THR E 87 -52.70 36.77 -13.51
C THR E 87 -52.99 37.88 -12.51
N LEU E 88 -52.08 38.81 -12.33
CA LEU E 88 -52.19 39.85 -11.31
C LEU E 88 -52.42 41.20 -12.01
N ASP E 89 -53.57 41.82 -11.74
CA ASP E 89 -53.84 43.10 -12.40
C ASP E 89 -53.03 44.24 -11.79
N LYS E 90 -52.60 44.10 -10.55
CA LYS E 90 -51.64 44.94 -9.86
C LYS E 90 -50.55 44.05 -9.32
N PRO E 91 -49.34 44.58 -9.08
CA PRO E 91 -48.30 43.76 -8.45
C PRO E 91 -48.72 43.27 -7.08
N LYS E 92 -48.39 42.00 -6.79
CA LYS E 92 -48.68 41.41 -5.48
C LYS E 92 -47.51 41.65 -4.55
N ILE E 93 -47.77 42.25 -3.39
CA ILE E 93 -46.71 42.61 -2.45
C ILE E 93 -46.99 41.92 -1.12
N VAL E 94 -46.01 41.17 -0.63
CA VAL E 94 -46.09 40.49 0.65
C VAL E 94 -44.99 41.04 1.53
N LYS E 95 -45.33 41.53 2.72
CA LYS E 95 -44.34 42.05 3.65
C LYS E 95 -43.66 40.91 4.41
N TRP E 96 -42.37 41.07 4.67
CA TRP E 96 -41.68 40.14 5.56
C TRP E 96 -41.95 40.54 7.00
N ASP E 97 -42.24 39.55 7.84
CA ASP E 97 -42.14 39.76 9.27
C ASP E 97 -41.56 38.50 9.89
N ARG E 98 -40.74 38.70 10.92
CA ARG E 98 -39.95 37.60 11.45
C ARG E 98 -40.79 36.53 12.14
N ASP E 99 -42.08 36.78 12.37
CA ASP E 99 -42.95 35.81 13.02
C ASP E 99 -43.57 34.83 12.04
N HIS E 100 -43.32 34.96 10.75
CA HIS E 100 -43.90 34.07 9.74
C HIS E 100 -42.83 33.61 8.76
N ALA F 1 -27.72 11.31 -15.76
CA ALA F 1 -27.47 11.50 -17.19
C ALA F 1 -28.80 11.64 -17.95
N THR F 2 -28.92 12.69 -18.75
CA THR F 2 -30.16 12.97 -19.45
C THR F 2 -30.35 11.99 -20.61
N GLU F 3 -31.58 11.94 -21.11
CA GLU F 3 -31.89 11.18 -22.31
C GLU F 3 -31.11 11.70 -23.50
N ILE F 4 -30.64 10.78 -24.34
CA ILE F 4 -29.70 11.16 -25.39
C ILE F 4 -30.35 12.11 -26.39
N ARG F 5 -31.61 11.88 -26.72
CA ARG F 5 -32.31 12.63 -27.75
C ARG F 5 -33.75 12.14 -27.77
N GLU F 6 -34.63 12.91 -28.43
CA GLU F 6 -36.01 12.49 -28.60
C GLU F 6 -36.56 13.06 -29.91
N LEU F 7 -37.65 12.46 -30.38
CA LEU F 7 -38.23 12.83 -31.67
C LEU F 7 -39.15 14.03 -31.54
N LEU F 8 -39.24 14.78 -32.63
CA LEU F 8 -40.15 15.92 -32.73
C LEU F 8 -41.59 15.54 -32.40
N VAL F 9 -42.22 16.41 -31.63
CA VAL F 9 -43.65 16.31 -31.32
C VAL F 9 -44.48 16.41 -32.60
N GLY G 1 41.98 -38.63 14.63
CA GLY G 1 41.62 -39.85 13.91
C GLY G 1 42.47 -40.10 12.69
N PRO G 2 41.84 -40.13 11.51
CA PRO G 2 42.59 -40.35 10.26
C PRO G 2 43.21 -39.06 9.75
N HIS G 3 44.49 -39.12 9.40
CA HIS G 3 45.15 -37.97 8.78
C HIS G 3 44.63 -37.78 7.36
N SER G 4 44.80 -36.56 6.83
CA SER G 4 44.33 -36.27 5.49
C SER G 4 45.26 -35.30 4.81
N LEU G 5 45.25 -35.36 3.48
CA LEU G 5 45.88 -34.37 2.61
C LEU G 5 44.76 -33.78 1.77
N SER G 6 44.68 -32.44 1.72
CA SER G 6 43.57 -31.80 1.05
C SER G 6 44.05 -30.58 0.28
N TYR G 7 43.52 -30.40 -0.93
CA TYR G 7 43.77 -29.20 -1.73
C TYR G 7 42.47 -28.47 -2.00
N PHE G 8 42.55 -27.15 -2.03
CA PHE G 8 41.40 -26.28 -2.19
C PHE G 8 41.74 -25.29 -3.30
N TYR G 9 40.96 -25.31 -4.38
CA TYR G 9 41.16 -24.43 -5.53
C TYR G 9 40.02 -23.44 -5.64
N THR G 10 40.35 -22.15 -5.79
CA THR G 10 39.36 -21.11 -6.06
C THR G 10 39.76 -20.35 -7.32
N ALA G 11 38.89 -20.35 -8.33
CA ALA G 11 39.08 -19.51 -9.51
C ALA G 11 37.96 -18.48 -9.59
N VAL G 12 38.32 -17.23 -9.88
CA VAL G 12 37.36 -16.12 -9.93
C VAL G 12 37.56 -15.36 -11.24
N SER G 13 36.47 -15.09 -11.96
CA SER G 13 36.62 -14.30 -13.18
C SER G 13 36.65 -12.82 -12.82
N ARG G 14 37.39 -12.05 -13.62
CA ARG G 14 37.54 -10.61 -13.41
C ARG G 14 37.31 -9.89 -14.74
N PRO G 15 36.05 -9.73 -15.14
CA PRO G 15 35.78 -9.21 -16.49
C PRO G 15 36.40 -7.83 -16.74
N ASP G 16 36.47 -6.98 -15.70
CA ASP G 16 37.08 -5.65 -15.86
C ASP G 16 38.52 -5.73 -16.33
N ARG G 17 39.26 -6.75 -15.91
CA ARG G 17 40.65 -6.93 -16.30
C ARG G 17 40.80 -7.95 -17.42
N GLY G 18 39.72 -8.54 -17.89
CA GLY G 18 39.79 -9.51 -18.96
C GLY G 18 40.57 -10.75 -18.61
N ASP G 19 40.57 -11.14 -17.34
CA ASP G 19 41.32 -12.33 -16.95
C ASP G 19 40.58 -13.03 -15.82
N SER G 20 41.32 -13.85 -15.08
CA SER G 20 40.78 -14.54 -13.91
C SER G 20 41.90 -14.68 -12.91
N ARG G 21 41.55 -15.06 -11.69
CA ARG G 21 42.53 -15.36 -10.67
C ARG G 21 42.30 -16.75 -10.12
N PHE G 22 43.38 -17.50 -9.95
CA PHE G 22 43.33 -18.87 -9.45
C PHE G 22 44.22 -18.96 -8.21
N ILE G 23 43.68 -19.45 -7.10
CA ILE G 23 44.41 -19.60 -5.85
C ILE G 23 44.23 -21.03 -5.37
N ALA G 24 45.34 -21.68 -5.04
CA ALA G 24 45.32 -23.03 -4.48
C ALA G 24 45.98 -23.03 -3.12
N VAL G 25 45.41 -23.79 -2.19
CA VAL G 25 46.06 -24.03 -0.92
C VAL G 25 46.03 -25.52 -0.64
N GLY G 26 47.04 -25.99 0.08
CA GLY G 26 47.12 -27.39 0.46
C GLY G 26 47.27 -27.50 1.97
N TYR G 27 46.61 -28.52 2.52
CA TYR G 27 46.61 -28.80 3.95
C TYR G 27 46.97 -30.25 4.20
N VAL G 28 47.74 -30.50 5.25
CA VAL G 28 47.81 -31.81 5.89
C VAL G 28 47.09 -31.66 7.23
N ASP G 29 46.04 -32.46 7.43
CA ASP G 29 45.14 -32.26 8.56
C ASP G 29 44.69 -30.80 8.65
N ASP G 30 44.95 -30.13 9.78
CA ASP G 30 44.58 -28.73 9.96
C ASP G 30 45.74 -27.77 9.75
N THR G 31 46.81 -28.20 9.06
CA THR G 31 48.00 -27.37 8.88
C THR G 31 48.15 -27.03 7.40
N GLN G 32 48.10 -25.74 7.05
CA GLN G 32 48.38 -25.36 5.67
C GLN G 32 49.88 -25.50 5.40
N PHE G 33 50.25 -26.04 4.23
CA PHE G 33 51.66 -26.19 3.92
C PHE G 33 52.11 -25.69 2.54
N VAL G 34 51.19 -25.44 1.58
CA VAL G 34 51.59 -24.85 0.31
C VAL G 34 50.52 -23.87 -0.18
N ARG G 35 50.93 -23.00 -1.10
CA ARG G 35 49.98 -22.12 -1.78
C ARG G 35 50.47 -21.83 -3.20
N PHE G 36 49.51 -21.48 -4.06
CA PHE G 36 49.78 -20.98 -5.40
C PHE G 36 48.80 -19.86 -5.69
N ASP G 37 49.27 -18.77 -6.27
CA ASP G 37 48.43 -17.61 -6.57
C ASP G 37 48.81 -17.14 -7.96
N SER G 38 47.89 -17.32 -8.92
CA SER G 38 48.17 -16.94 -10.30
C SER G 38 48.46 -15.45 -10.45
N ASP G 39 48.06 -14.61 -9.49
CA ASP G 39 48.36 -13.18 -9.58
C ASP G 39 49.80 -12.86 -9.21
N ALA G 40 50.51 -13.79 -8.59
CA ALA G 40 51.89 -13.53 -8.20
C ALA G 40 52.77 -13.43 -9.45
N PRO G 41 53.68 -12.46 -9.52
CA PRO G 41 54.65 -12.43 -10.63
C PRO G 41 55.45 -13.72 -10.69
N ASN G 42 55.55 -14.30 -11.89
CA ASN G 42 56.27 -15.56 -12.09
C ASN G 42 55.75 -16.58 -11.07
N PRO G 43 54.44 -16.90 -11.12
CA PRO G 43 53.83 -17.58 -9.97
C PRO G 43 54.34 -19.01 -9.82
N ARG G 44 54.60 -19.38 -8.57
CA ARG G 44 55.13 -20.70 -8.25
C ARG G 44 54.39 -21.27 -7.04
N MET G 45 54.39 -22.60 -6.93
CA MET G 45 53.96 -23.19 -5.66
C MET G 45 54.95 -22.81 -4.59
N GLU G 46 54.44 -22.32 -3.45
CA GLU G 46 55.29 -21.79 -2.40
C GLU G 46 55.07 -22.52 -1.08
N PRO G 47 56.12 -22.68 -0.27
CA PRO G 47 55.95 -23.32 1.04
C PRO G 47 55.24 -22.39 2.01
N ARG G 48 54.39 -22.97 2.85
CA ARG G 48 53.71 -22.22 3.90
C ARG G 48 53.80 -22.94 5.25
N ALA G 49 54.60 -23.99 5.34
CA ALA G 49 54.94 -24.65 6.59
C ALA G 49 56.43 -24.96 6.56
N PRO G 50 57.10 -24.92 7.71
CA PRO G 50 58.58 -25.08 7.68
C PRO G 50 59.03 -26.43 7.15
N TRP G 51 58.29 -27.50 7.44
CA TRP G 51 58.78 -28.84 7.17
C TRP G 51 58.71 -29.20 5.68
N ILE G 52 57.89 -28.53 4.89
CA ILE G 52 57.84 -28.85 3.47
C ILE G 52 59.05 -28.30 2.74
N GLN G 53 59.76 -27.34 3.34
CA GLN G 53 60.92 -26.74 2.70
C GLN G 53 62.06 -27.72 2.45
N GLN G 54 62.02 -28.92 3.03
CA GLN G 54 63.06 -29.89 2.69
C GLN G 54 62.82 -30.60 1.36
N GLU G 55 61.70 -30.33 0.68
CA GLU G 55 61.52 -30.82 -0.68
C GLU G 55 62.51 -30.13 -1.62
N GLY G 56 63.08 -30.90 -2.54
CA GLY G 56 64.05 -30.36 -3.46
C GLY G 56 63.43 -29.51 -4.56
N GLN G 57 64.30 -28.89 -5.36
CA GLN G 57 63.85 -28.03 -6.45
C GLN G 57 62.96 -28.78 -7.45
N ASP G 58 63.21 -30.07 -7.66
CA ASP G 58 62.39 -30.83 -8.60
C ASP G 58 60.94 -30.86 -8.18
N TYR G 59 60.68 -31.04 -6.88
CA TYR G 59 59.31 -31.00 -6.35
C TYR G 59 58.65 -29.65 -6.63
N TRP G 60 59.33 -28.55 -6.27
CA TRP G 60 58.73 -27.23 -6.43
C TRP G 60 58.48 -26.92 -7.89
N ASP G 61 59.41 -27.30 -8.77
CA ASP G 61 59.20 -27.13 -10.19
C ASP G 61 58.00 -27.92 -10.67
N ARG G 62 57.88 -29.17 -10.22
CA ARG G 62 56.76 -30.02 -10.63
C ARG G 62 55.44 -29.43 -10.17
N GLU G 63 55.36 -29.04 -8.90
CA GLU G 63 54.11 -28.48 -8.38
C GLU G 63 53.77 -27.17 -9.10
N THR G 64 54.79 -26.38 -9.44
CA THR G 64 54.53 -25.13 -10.14
C THR G 64 53.97 -25.39 -11.53
N ARG G 65 54.55 -26.35 -12.25
CA ARG G 65 54.05 -26.68 -13.59
C ARG G 65 52.58 -27.12 -13.54
N LYS G 66 52.24 -27.98 -12.59
CA LYS G 66 50.87 -28.47 -12.49
C LYS G 66 49.90 -27.35 -12.14
N GLN G 67 50.29 -26.47 -11.21
CA GLN G 67 49.40 -25.37 -10.82
C GLN G 67 49.23 -24.36 -11.95
N ARG G 68 50.32 -24.05 -12.67
CA ARG G 68 50.17 -23.17 -13.83
C ARG G 68 49.22 -23.78 -14.86
N ASP G 69 49.34 -25.08 -15.12
CA ASP G 69 48.44 -25.74 -16.06
C ASP G 69 47.01 -25.68 -15.56
N THR G 70 46.80 -26.01 -14.28
CA THR G 70 45.45 -26.03 -13.72
C THR G 70 44.86 -24.64 -13.73
N SER G 71 45.67 -23.63 -13.40
CA SER G 71 45.19 -22.27 -13.40
C SER G 71 44.65 -21.87 -14.77
N GLN G 72 45.33 -22.29 -15.84
CA GLN G 72 44.86 -21.96 -17.18
C GLN G 72 43.58 -22.71 -17.50
N THR G 73 43.50 -23.98 -17.10
CA THR G 73 42.31 -24.76 -17.36
C THR G 73 41.10 -24.19 -16.61
N TYR G 74 41.32 -23.69 -15.40
CA TYR G 74 40.20 -23.13 -14.67
C TYR G 74 39.78 -21.78 -15.25
N ARG G 75 40.74 -21.03 -15.80
CA ARG G 75 40.39 -19.77 -16.47
C ARG G 75 39.45 -20.02 -17.64
N VAL G 76 39.84 -20.91 -18.56
CA VAL G 76 38.99 -21.23 -19.70
C VAL G 76 37.68 -21.87 -19.22
N GLY G 77 37.75 -22.67 -18.16
CA GLY G 77 36.54 -23.29 -17.64
C GLY G 77 35.51 -22.26 -17.21
N LEU G 78 35.97 -21.15 -16.62
CA LEU G 78 35.04 -20.10 -16.20
C LEU G 78 34.25 -19.56 -17.38
N LYS G 79 34.86 -19.50 -18.56
CA LYS G 79 34.13 -19.05 -19.75
C LYS G 79 33.10 -20.09 -20.17
N ASN G 80 33.46 -21.37 -20.12
CA ASN G 80 32.51 -22.44 -20.44
C ASN G 80 31.30 -22.37 -19.53
N LEU G 81 31.53 -22.13 -18.23
CA LEU G 81 30.46 -22.11 -17.24
C LEU G 81 29.52 -20.93 -17.48
N ARG G 82 30.08 -19.74 -17.73
CA ARG G 82 29.27 -18.60 -18.14
C ARG G 82 28.37 -18.99 -19.32
N GLY G 83 28.94 -19.67 -20.30
CA GLY G 83 28.13 -20.15 -21.42
C GLY G 83 27.04 -21.11 -21.00
N TYR G 84 27.39 -22.13 -20.18
CA TYR G 84 26.41 -23.12 -19.74
C TYR G 84 25.22 -22.48 -19.05
N TYR G 85 25.46 -21.45 -18.24
CA TYR G 85 24.39 -20.82 -17.49
C TYR G 85 23.86 -19.57 -18.16
N ASN G 86 24.25 -19.34 -19.42
CA ASN G 86 23.92 -18.13 -20.18
C ASN G 86 23.94 -16.90 -19.28
N GLN G 87 25.12 -16.64 -18.75
CA GLN G 87 25.35 -15.46 -17.92
C GLN G 87 26.06 -14.39 -18.74
N SER G 88 25.87 -13.14 -18.35
CA SER G 88 26.51 -12.04 -19.06
C SER G 88 28.01 -12.04 -18.79
N GLU G 89 28.74 -11.31 -19.64
CA GLU G 89 30.18 -11.15 -19.46
C GLU G 89 30.52 -10.11 -18.41
N ALA G 90 29.52 -9.45 -17.82
CA ALA G 90 29.75 -8.35 -16.89
C ALA G 90 30.01 -8.81 -15.47
N GLY G 91 29.47 -9.97 -15.07
CA GLY G 91 29.56 -10.41 -13.70
C GLY G 91 30.77 -11.30 -13.44
N SER G 92 31.26 -11.21 -12.21
CA SER G 92 32.27 -12.14 -11.71
C SER G 92 31.61 -13.42 -11.22
N HIS G 93 32.26 -14.55 -11.46
CA HIS G 93 31.78 -15.84 -11.01
C HIS G 93 32.93 -16.60 -10.38
N THR G 94 32.58 -17.65 -9.62
CA THR G 94 33.55 -18.38 -8.80
C THR G 94 33.42 -19.86 -9.10
N TYR G 95 34.55 -20.50 -9.41
CA TYR G 95 34.61 -21.94 -9.65
C TYR G 95 35.57 -22.54 -8.65
N GLN G 96 35.10 -23.51 -7.85
CA GLN G 96 35.91 -24.08 -6.78
C GLN G 96 36.03 -25.58 -6.96
N SER G 97 37.16 -26.13 -6.54
CA SER G 97 37.27 -27.58 -6.40
C SER G 97 37.98 -27.89 -5.09
N MET G 98 37.58 -28.97 -4.45
CA MET G 98 38.36 -29.51 -3.36
C MET G 98 38.50 -31.01 -3.56
N TYR G 99 39.65 -31.55 -3.17
CA TYR G 99 39.91 -32.97 -3.34
C TYR G 99 40.97 -33.39 -2.32
N GLY G 100 41.00 -34.67 -2.01
CA GLY G 100 41.97 -35.11 -1.03
C GLY G 100 41.77 -36.57 -0.66
N CYS G 101 42.57 -37.01 0.30
CA CYS G 101 42.56 -38.42 0.70
C CYS G 101 42.72 -38.51 2.21
N TYR G 102 41.95 -39.41 2.82
CA TYR G 102 42.10 -39.75 4.24
C TYR G 102 42.83 -41.08 4.35
N LEU G 103 43.77 -41.15 5.28
CA LEU G 103 44.64 -42.32 5.41
C LEU G 103 44.06 -43.25 6.46
N GLY G 104 43.71 -44.48 6.04
CA GLY G 104 43.14 -45.47 6.92
C GLY G 104 44.18 -46.05 7.86
N PRO G 105 43.72 -46.77 8.90
CA PRO G 105 44.67 -47.31 9.89
C PRO G 105 45.59 -48.35 9.31
N ASP G 106 45.22 -48.96 8.18
CA ASP G 106 46.05 -49.92 7.46
C ASP G 106 46.92 -49.28 6.40
N GLY G 107 47.03 -47.94 6.40
CA GLY G 107 47.80 -47.26 5.38
C GLY G 107 47.15 -47.20 4.01
N LEU G 108 45.94 -47.71 3.86
CA LEU G 108 45.22 -47.64 2.59
C LEU G 108 44.30 -46.42 2.57
N LEU G 109 43.87 -46.04 1.36
CA LEU G 109 42.90 -44.96 1.21
C LEU G 109 41.63 -45.28 1.99
N LEU G 110 41.33 -44.45 2.98
CA LEU G 110 40.07 -44.61 3.71
C LEU G 110 38.90 -44.01 2.93
N ARG G 111 39.06 -42.75 2.49
CA ARG G 111 38.06 -42.11 1.66
C ARG G 111 38.75 -41.07 0.80
N GLY G 112 38.62 -41.19 -0.50
CA GLY G 112 39.08 -40.17 -1.44
C GLY G 112 37.89 -39.35 -1.87
N TYR G 113 38.15 -38.10 -2.26
CA TYR G 113 37.05 -37.26 -2.70
C TYR G 113 37.55 -36.25 -3.73
N ARG G 114 36.62 -35.81 -4.57
CA ARG G 114 36.85 -34.76 -5.54
C ARG G 114 35.50 -34.12 -5.83
N GLN G 115 35.37 -32.82 -5.54
CA GLN G 115 34.10 -32.12 -5.66
C GLN G 115 34.33 -30.77 -6.29
N TYR G 116 33.28 -30.24 -6.90
CA TYR G 116 33.34 -28.94 -7.54
C TYR G 116 32.08 -28.13 -7.22
N ALA G 117 32.24 -26.81 -7.21
CA ALA G 117 31.14 -25.89 -7.01
C ALA G 117 31.22 -24.74 -8.01
N TYR G 118 30.07 -24.19 -8.36
CA TYR G 118 30.01 -22.98 -9.16
C TYR G 118 29.15 -21.95 -8.45
N ASP G 119 29.70 -20.76 -8.25
CA ASP G 119 29.04 -19.69 -7.48
C ASP G 119 28.52 -20.21 -6.14
N GLY G 120 29.31 -21.07 -5.50
CA GLY G 120 29.01 -21.50 -4.16
C GLY G 120 28.03 -22.65 -4.04
N ALA G 121 27.57 -23.21 -5.15
CA ALA G 121 26.63 -24.33 -5.15
C ALA G 121 27.31 -25.56 -5.73
N ASP G 122 27.07 -26.72 -5.10
CA ASP G 122 27.56 -27.99 -5.60
C ASP G 122 27.28 -28.11 -7.10
N TYR G 123 28.30 -28.51 -7.85
CA TYR G 123 28.22 -28.59 -9.31
C TYR G 123 28.35 -30.03 -9.78
N ILE G 124 29.49 -30.67 -9.56
CA ILE G 124 29.64 -32.08 -9.85
C ILE G 124 30.55 -32.66 -8.79
N ALA G 125 30.38 -33.96 -8.52
CA ALA G 125 31.18 -34.64 -7.51
C ALA G 125 31.48 -36.06 -7.94
N LEU G 126 32.67 -36.53 -7.57
CA LEU G 126 33.04 -37.91 -7.78
C LEU G 126 32.37 -38.78 -6.71
N ASN G 127 31.68 -39.83 -7.13
CA ASN G 127 30.96 -40.68 -6.19
C ASN G 127 31.93 -41.49 -5.33
N GLU G 128 31.41 -42.06 -4.24
CA GLU G 128 32.25 -42.80 -3.30
C GLU G 128 33.01 -43.94 -3.97
N ASP G 129 32.40 -44.59 -4.97
CA ASP G 129 33.08 -45.68 -5.67
C ASP G 129 34.27 -45.21 -6.49
N LEU G 130 34.50 -43.91 -6.57
CA LEU G 130 35.56 -43.32 -7.38
C LEU G 130 35.46 -43.74 -8.85
N ARG G 131 34.24 -44.07 -9.32
CA ARG G 131 34.06 -44.58 -10.66
C ARG G 131 33.04 -43.81 -11.48
N SER G 132 32.18 -43.01 -10.85
CA SER G 132 31.12 -42.34 -11.57
C SER G 132 30.91 -40.97 -10.94
N TRP G 133 30.13 -40.14 -11.62
CA TRP G 133 29.92 -38.76 -11.20
C TRP G 133 28.46 -38.50 -10.90
N THR G 134 28.22 -37.54 -10.01
CA THR G 134 26.90 -36.99 -9.76
C THR G 134 26.90 -35.51 -10.10
N ALA G 135 26.05 -35.12 -11.04
CA ALA G 135 25.95 -33.74 -11.51
C ALA G 135 24.68 -33.10 -10.96
N ALA G 136 24.78 -31.82 -10.59
CA ALA G 136 23.71 -31.17 -9.84
C ALA G 136 22.59 -30.65 -10.72
N ASP G 137 22.86 -30.33 -11.98
CA ASP G 137 21.89 -29.66 -12.83
C ASP G 137 22.22 -29.95 -14.29
N THR G 138 21.52 -29.26 -15.19
CA THR G 138 21.70 -29.52 -16.61
C THR G 138 23.10 -29.13 -17.07
N ALA G 139 23.61 -28.00 -16.58
CA ALA G 139 24.96 -27.59 -16.97
C ALA G 139 25.98 -28.66 -16.59
N ALA G 140 25.92 -29.12 -15.34
CA ALA G 140 26.90 -30.09 -14.86
C ALA G 140 26.77 -31.44 -15.57
N GLN G 141 25.62 -31.73 -16.19
CA GLN G 141 25.52 -32.92 -17.02
C GLN G 141 26.37 -32.82 -18.27
N ILE G 142 26.55 -31.61 -18.81
CA ILE G 142 27.44 -31.42 -19.95
C ILE G 142 28.85 -31.82 -19.58
N THR G 143 29.32 -31.30 -18.44
CA THR G 143 30.62 -31.65 -17.91
C THR G 143 30.73 -33.14 -17.65
N LYS G 144 29.71 -33.73 -17.02
CA LYS G 144 29.74 -35.15 -16.69
C LYS G 144 29.91 -36.00 -17.93
N ARG G 145 29.18 -35.68 -19.00
CA ARG G 145 29.31 -36.45 -20.23
C ARG G 145 30.71 -36.31 -20.83
N LYS G 146 31.29 -35.10 -20.80
CA LYS G 146 32.66 -34.94 -21.30
C LYS G 146 33.63 -35.78 -20.49
N TRP G 147 33.52 -35.74 -19.16
CA TRP G 147 34.45 -36.46 -18.32
C TRP G 147 34.22 -37.97 -18.39
N GLU G 148 32.99 -38.41 -18.63
CA GLU G 148 32.78 -39.84 -18.89
C GLU G 148 33.41 -40.26 -20.20
N THR G 149 33.25 -39.45 -21.25
CA THR G 149 33.81 -39.76 -22.54
C THR G 149 35.32 -39.93 -22.47
N ALA G 150 35.99 -39.09 -21.69
CA ALA G 150 37.44 -39.12 -21.59
C ALA G 150 37.96 -39.94 -20.41
N ASN G 151 37.10 -40.73 -19.77
CA ASN G 151 37.52 -41.65 -18.69
C ASN G 151 38.26 -40.91 -17.56
N VAL G 152 37.74 -39.74 -17.18
CA VAL G 152 38.41 -38.90 -16.18
C VAL G 152 38.40 -39.57 -14.81
N ALA G 153 37.32 -40.27 -14.47
CA ALA G 153 37.22 -40.83 -13.12
C ALA G 153 38.33 -41.84 -12.83
N GLU G 154 38.77 -42.59 -13.84
CA GLU G 154 39.88 -43.52 -13.61
C GLU G 154 41.14 -42.78 -13.19
N ARG G 155 41.38 -41.60 -13.76
CA ARG G 155 42.53 -40.81 -13.38
C ARG G 155 42.41 -40.29 -11.97
N ARG G 156 41.23 -39.79 -11.60
CA ARG G 156 41.03 -39.35 -10.21
C ARG G 156 41.27 -40.50 -9.24
N ARG G 157 40.71 -41.67 -9.56
CA ARG G 157 40.84 -42.83 -8.68
C ARG G 157 42.30 -43.22 -8.49
N SER G 158 43.06 -43.26 -9.59
CA SER G 158 44.48 -43.60 -9.49
C SER G 158 45.24 -42.60 -8.65
N TYR G 159 44.95 -41.30 -8.81
CA TYR G 159 45.61 -40.29 -8.00
C TYR G 159 45.25 -40.44 -6.52
N LEU G 160 43.95 -40.56 -6.23
CA LEU G 160 43.50 -40.61 -4.84
C LEU G 160 44.02 -41.86 -4.14
N GLN G 161 44.04 -42.99 -4.83
CA GLN G 161 44.53 -44.23 -4.22
C GLN G 161 46.05 -44.31 -4.16
N GLY G 162 46.74 -43.55 -5.00
CA GLY G 162 48.18 -43.66 -5.14
C GLY G 162 48.94 -42.45 -4.67
N LEU G 163 49.19 -41.49 -5.57
CA LEU G 163 50.04 -40.36 -5.24
C LEU G 163 49.51 -39.56 -4.04
N CYS G 164 48.19 -39.44 -3.92
CA CYS G 164 47.65 -38.68 -2.79
C CYS G 164 48.07 -39.32 -1.47
N VAL G 165 47.84 -40.63 -1.34
CA VAL G 165 48.17 -41.34 -0.12
C VAL G 165 49.67 -41.41 0.09
N GLU G 166 50.44 -41.62 -0.99
CA GLU G 166 51.89 -41.73 -0.84
C GLU G 166 52.50 -40.40 -0.43
N SER G 167 52.04 -39.29 -1.01
CA SER G 167 52.61 -38.02 -0.63
C SER G 167 52.20 -37.63 0.77
N LEU G 168 50.94 -37.91 1.16
CA LEU G 168 50.51 -37.72 2.54
C LEU G 168 51.42 -38.43 3.52
N ARG G 169 51.66 -39.73 3.28
CA ARG G 169 52.55 -40.48 4.16
C ARG G 169 53.91 -39.80 4.26
N GLU G 170 54.43 -39.28 3.15
CA GLU G 170 55.73 -38.61 3.18
C GLU G 170 55.68 -37.31 4.00
N TYR G 171 54.65 -36.48 3.78
CA TYR G 171 54.54 -35.24 4.55
C TYR G 171 54.41 -35.53 6.04
N LEU G 172 53.62 -36.53 6.41
CA LEU G 172 53.41 -36.84 7.81
C LEU G 172 54.72 -37.17 8.50
N GLU G 173 55.62 -37.87 7.80
CA GLU G 173 56.95 -38.15 8.35
C GLU G 173 57.81 -36.90 8.39
N MET G 174 57.83 -36.14 7.29
CA MET G 174 58.64 -34.93 7.21
C MET G 174 58.31 -33.95 8.33
N GLY G 175 57.02 -33.81 8.65
CA GLY G 175 56.60 -32.87 9.66
C GLY G 175 56.08 -33.56 10.90
N LYS G 176 56.65 -34.74 11.20
CA LYS G 176 56.13 -35.55 12.30
C LYS G 176 56.17 -34.81 13.63
N ASP G 177 57.16 -33.95 13.84
CA ASP G 177 57.28 -33.27 15.12
C ASP G 177 56.15 -32.27 15.36
N THR G 178 55.50 -31.79 14.30
CA THR G 178 54.38 -30.88 14.46
C THR G 178 53.07 -31.50 14.03
N LEU G 179 53.06 -32.22 12.91
CA LEU G 179 51.81 -32.81 12.40
C LEU G 179 51.30 -33.94 13.30
N GLN G 180 52.21 -34.71 13.91
CA GLN G 180 51.80 -35.92 14.62
C GLN G 180 51.85 -35.73 16.13
N ARG G 181 51.86 -34.49 16.60
CA ARG G 181 51.92 -34.18 18.02
C ARG G 181 50.67 -33.39 18.38
N ALA G 182 49.95 -33.86 19.39
CA ALA G 182 48.74 -33.18 19.85
C ALA G 182 49.12 -32.19 20.93
N GLU G 183 48.77 -30.92 20.71
CA GLU G 183 49.03 -29.85 21.66
C GLU G 183 47.75 -29.60 22.45
N PRO G 184 47.71 -29.89 23.75
CA PRO G 184 46.45 -29.77 24.51
C PRO G 184 46.07 -28.31 24.72
N PRO G 185 44.78 -28.03 24.94
CA PRO G 185 44.38 -26.65 25.23
C PRO G 185 44.87 -26.23 26.61
N LYS G 186 45.18 -24.94 26.71
CA LYS G 186 45.29 -24.30 28.01
C LYS G 186 43.94 -23.70 28.33
N THR G 187 43.41 -23.99 29.52
CA THR G 187 42.02 -23.70 29.84
C THR G 187 41.90 -22.81 31.06
N HIS G 188 40.85 -21.99 31.08
CA HIS G 188 40.47 -21.24 32.26
C HIS G 188 39.04 -20.74 32.09
N VAL G 189 38.43 -20.39 33.21
CA VAL G 189 37.08 -19.82 33.24
C VAL G 189 37.19 -18.38 33.70
N THR G 190 36.49 -17.48 33.02
CA THR G 190 36.37 -16.10 33.46
C THR G 190 34.91 -15.79 33.76
N ARG G 191 34.68 -14.74 34.57
CA ARG G 191 33.34 -14.30 34.92
C ARG G 191 33.14 -12.86 34.48
N HIS G 192 31.94 -12.56 33.99
CA HIS G 192 31.63 -11.23 33.46
C HIS G 192 30.20 -10.84 33.79
N PRO G 193 29.93 -9.55 33.96
CA PRO G 193 28.54 -9.10 34.08
C PRO G 193 27.74 -9.40 32.83
N SER G 194 26.43 -9.61 33.00
CA SER G 194 25.57 -9.87 31.86
C SER G 194 24.33 -8.96 31.87
N SER G 195 23.32 -9.30 32.66
CA SER G 195 22.09 -8.52 32.70
C SER G 195 21.57 -8.52 34.14
N ASP G 196 20.35 -8.00 34.30
CA ASP G 196 19.82 -7.71 35.63
C ASP G 196 19.82 -8.95 36.53
N LEU G 197 19.50 -10.11 35.97
CA LEU G 197 19.62 -11.38 36.70
C LEU G 197 20.49 -12.34 35.88
N GLY G 198 21.80 -12.28 36.12
CA GLY G 198 22.74 -13.20 35.52
C GLY G 198 24.16 -12.68 35.41
N VAL G 199 25.14 -13.55 35.63
CA VAL G 199 26.54 -13.29 35.30
C VAL G 199 26.95 -14.32 34.27
N THR G 200 27.92 -13.97 33.44
CA THR G 200 28.42 -14.85 32.40
C THR G 200 29.66 -15.57 32.88
N LEU G 201 29.67 -16.90 32.72
CA LEU G 201 30.88 -17.70 32.86
C LEU G 201 31.36 -18.10 31.46
N ARG G 202 32.62 -17.83 31.16
CA ARG G 202 33.18 -18.12 29.83
C ARG G 202 34.34 -19.09 30.01
N CYS G 203 34.22 -20.26 29.39
CA CYS G 203 35.24 -21.29 29.48
C CYS G 203 36.09 -21.25 28.22
N TRP G 204 37.40 -21.02 28.40
CA TRP G 204 38.34 -20.81 27.31
C TRP G 204 39.22 -22.03 27.09
N ALA G 205 39.43 -22.40 25.83
CA ALA G 205 40.41 -23.40 25.43
C ALA G 205 41.33 -22.77 24.41
N LEU G 206 42.63 -22.70 24.73
CA LEU G 206 43.56 -21.88 23.96
C LEU G 206 44.77 -22.70 23.53
N GLY G 207 45.25 -22.40 22.32
CA GLY G 207 46.51 -22.98 21.86
C GLY G 207 46.52 -24.46 21.57
N PHE G 208 45.39 -25.04 21.17
CA PHE G 208 45.34 -26.48 20.94
C PHE G 208 45.50 -26.82 19.46
N TYR G 209 45.93 -28.07 19.22
CA TYR G 209 46.05 -28.67 17.90
C TYR G 209 45.92 -30.17 18.09
N PRO G 210 45.11 -30.87 17.26
CA PRO G 210 44.36 -30.36 16.11
C PRO G 210 43.10 -29.58 16.49
N LYS G 211 42.34 -29.16 15.47
CA LYS G 211 41.26 -28.21 15.67
C LYS G 211 40.05 -28.84 16.37
N GLU G 212 39.83 -30.14 16.19
CA GLU G 212 38.69 -30.82 16.81
C GLU G 212 38.74 -30.71 18.33
N ILE G 213 37.64 -30.24 18.93
CA ILE G 213 37.58 -30.12 20.38
C ILE G 213 36.12 -30.18 20.81
N SER G 214 35.89 -30.62 22.04
CA SER G 214 34.56 -30.61 22.65
C SER G 214 34.60 -29.74 23.90
N LEU G 215 33.78 -28.68 23.92
CA LEU G 215 33.63 -27.77 25.04
C LEU G 215 32.18 -27.77 25.44
N THR G 216 31.89 -28.16 26.68
CA THR G 216 30.50 -28.19 27.14
C THR G 216 30.44 -27.66 28.57
N TRP G 217 29.26 -27.22 28.96
CA TRP G 217 28.96 -26.84 30.34
C TRP G 217 27.96 -27.83 30.92
N GLN G 218 28.12 -28.13 32.21
CA GLN G 218 27.19 -28.97 32.93
C GLN G 218 26.70 -28.22 34.16
N ARG G 219 25.51 -28.59 34.63
CA ARG G 219 24.98 -28.09 35.89
C ARG G 219 24.67 -29.28 36.77
N GLU G 220 25.29 -29.31 37.95
CA GLU G 220 25.16 -30.40 38.92
C GLU G 220 25.35 -31.75 38.25
N GLY G 221 26.43 -31.85 37.46
CA GLY G 221 26.71 -33.05 36.74
C GLY G 221 25.79 -33.35 35.57
N GLN G 222 24.91 -32.43 35.19
CA GLN G 222 23.97 -32.69 34.09
C GLN G 222 24.16 -31.65 32.98
N ASP G 223 23.97 -32.10 31.74
CA ASP G 223 24.34 -31.26 30.60
C ASP G 223 23.54 -29.97 30.60
N GLN G 224 24.04 -29.00 29.84
CA GLN G 224 23.64 -27.61 29.98
C GLN G 224 24.18 -26.80 28.81
N SER G 225 23.84 -27.20 27.59
CA SER G 225 24.45 -26.63 26.40
C SER G 225 23.38 -26.28 25.36
N GLN G 226 22.34 -25.60 25.83
CA GLN G 226 21.23 -25.13 25.02
C GLN G 226 20.96 -23.64 25.17
N ASP G 227 21.37 -23.04 26.29
CA ASP G 227 21.49 -21.59 26.42
C ASP G 227 22.95 -21.14 26.47
N MET G 228 23.87 -21.97 25.97
CA MET G 228 25.27 -21.59 25.94
C MET G 228 25.59 -20.96 24.60
N GLU G 229 26.47 -19.95 24.61
CA GLU G 229 27.06 -19.43 23.39
C GLU G 229 28.36 -20.18 23.12
N LEU G 230 28.47 -20.77 21.94
CA LEU G 230 29.65 -21.52 21.53
C LEU G 230 30.19 -20.88 20.25
N VAL G 231 31.37 -20.29 20.30
CA VAL G 231 31.92 -19.63 19.13
C VAL G 231 32.58 -20.67 18.23
N GLU G 232 32.60 -20.37 16.93
CA GLU G 232 33.37 -21.17 15.98
C GLU G 232 34.83 -21.23 16.39
N THR G 233 35.41 -22.43 16.31
CA THR G 233 36.83 -22.58 16.55
C THR G 233 37.62 -21.71 15.58
N ARG G 234 38.59 -21.00 16.11
CA ARG G 234 39.24 -19.93 15.37
C ARG G 234 40.75 -20.08 15.49
N PRO G 235 41.50 -19.61 14.50
CA PRO G 235 42.95 -19.80 14.50
C PRO G 235 43.64 -18.84 15.46
N SER G 236 44.64 -19.37 16.16
CA SER G 236 45.44 -18.53 17.05
C SER G 236 46.42 -17.65 16.28
N GLY G 237 46.78 -18.02 15.06
CA GLY G 237 47.77 -17.32 14.30
C GLY G 237 49.12 -18.00 14.28
N ASP G 238 49.36 -18.94 15.21
CA ASP G 238 50.61 -19.68 15.24
C ASP G 238 50.44 -21.14 14.83
N GLY G 239 49.33 -21.49 14.20
CA GLY G 239 49.09 -22.86 13.81
C GLY G 239 48.24 -23.65 14.80
N THR G 240 47.93 -23.07 15.96
CA THR G 240 47.01 -23.68 16.92
C THR G 240 45.65 -22.99 16.82
N PHE G 241 44.73 -23.41 17.68
CA PHE G 241 43.34 -22.95 17.61
C PHE G 241 42.85 -22.52 18.98
N GLN G 242 41.69 -21.87 18.97
CA GLN G 242 41.06 -21.33 20.17
C GLN G 242 39.55 -21.56 20.10
N LYS G 243 38.92 -21.63 21.26
CA LYS G 243 37.47 -21.71 21.30
C LYS G 243 37.03 -21.31 22.70
N TRP G 244 35.81 -20.79 22.82
CA TRP G 244 35.24 -20.63 24.14
C TRP G 244 33.76 -20.93 24.10
N ALA G 245 33.22 -21.17 25.30
CA ALA G 245 31.81 -21.49 25.51
C ALA G 245 31.37 -20.72 26.74
N ALA G 246 30.25 -20.02 26.64
CA ALA G 246 29.79 -19.19 27.73
C ALA G 246 28.32 -19.44 28.03
N LEU G 247 27.95 -19.27 29.29
CA LEU G 247 26.55 -19.34 29.66
C LEU G 247 26.30 -18.35 30.79
N VAL G 248 25.03 -17.95 30.91
CA VAL G 248 24.61 -17.01 31.95
C VAL G 248 24.05 -17.81 33.11
N VAL G 249 24.54 -17.52 34.32
CA VAL G 249 24.16 -18.28 35.51
C VAL G 249 23.67 -17.30 36.56
N PRO G 250 22.91 -17.79 37.55
CA PRO G 250 22.45 -16.90 38.64
C PRO G 250 23.59 -16.48 39.56
N PRO G 251 23.63 -15.21 39.95
CA PRO G 251 24.67 -14.75 40.88
C PRO G 251 24.63 -15.57 42.16
N GLY G 252 25.81 -16.00 42.61
CA GLY G 252 25.94 -16.83 43.78
C GLY G 252 25.94 -18.32 43.51
N GLU G 253 25.53 -18.75 42.32
CA GLU G 253 25.42 -20.17 41.99
C GLU G 253 26.55 -20.66 41.11
N GLU G 254 27.64 -19.89 40.97
CA GLU G 254 28.68 -20.25 40.00
C GLU G 254 29.24 -21.64 40.28
N GLN G 255 29.31 -22.06 41.54
CA GLN G 255 29.96 -23.33 41.82
C GLN G 255 29.10 -24.51 41.42
N SER G 256 27.84 -24.29 41.00
CA SER G 256 27.02 -25.39 40.53
C SER G 256 27.36 -25.79 39.09
N TYR G 257 28.24 -25.06 38.41
CA TYR G 257 28.47 -25.24 36.98
C TYR G 257 29.91 -25.66 36.72
N THR G 258 30.08 -26.58 35.78
CA THR G 258 31.39 -27.07 35.39
C THR G 258 31.54 -27.04 33.88
N CYS G 259 32.73 -26.71 33.44
CA CYS G 259 33.10 -26.76 32.03
C CYS G 259 33.88 -28.04 31.76
N HIS G 260 33.60 -28.69 30.64
CA HIS G 260 34.18 -29.98 30.32
C HIS G 260 34.84 -29.90 28.96
N VAL G 261 36.10 -30.31 28.89
CA VAL G 261 36.92 -30.20 27.70
C VAL G 261 37.37 -31.59 27.28
N GLN G 262 37.12 -31.95 26.03
CA GLN G 262 37.71 -33.15 25.44
C GLN G 262 38.56 -32.73 24.27
N HIS G 263 39.82 -33.17 24.27
CA HIS G 263 40.74 -32.91 23.17
C HIS G 263 41.78 -34.01 23.15
N GLU G 264 42.22 -34.41 21.95
CA GLU G 264 43.12 -35.56 21.88
C GLU G 264 44.49 -35.28 22.49
N GLY G 265 44.83 -34.02 22.75
CA GLY G 265 46.01 -33.71 23.54
C GLY G 265 45.85 -33.99 25.02
N LEU G 266 44.63 -34.28 25.47
CA LEU G 266 44.35 -34.47 26.90
C LEU G 266 44.27 -35.95 27.21
N GLN G 267 45.08 -36.40 28.18
CA GLN G 267 45.08 -37.81 28.56
C GLN G 267 43.71 -38.25 29.04
N GLU G 268 43.05 -37.42 29.84
CA GLU G 268 41.69 -37.65 30.26
C GLU G 268 40.91 -36.36 30.10
N PRO G 269 39.59 -36.43 29.87
CA PRO G 269 38.79 -35.21 29.80
C PRO G 269 39.00 -34.35 31.04
N LEU G 270 38.85 -33.05 30.85
CA LEU G 270 39.16 -32.06 31.87
C LEU G 270 37.87 -31.45 32.37
N THR G 271 37.78 -31.24 33.68
CA THR G 271 36.69 -30.51 34.30
C THR G 271 37.26 -29.26 34.95
N LEU G 272 36.64 -28.11 34.70
CA LEU G 272 37.09 -26.88 35.34
C LEU G 272 35.89 -26.02 35.70
N ARG G 273 36.15 -25.00 36.51
CA ARG G 273 35.08 -24.20 37.09
C ARG G 273 35.59 -22.79 37.35
N TRP G 274 34.64 -21.89 37.63
CA TRP G 274 35.01 -20.56 38.10
C TRP G 274 35.62 -20.65 39.49
N ASP G 275 36.76 -20.00 39.68
CA ASP G 275 37.49 -20.03 40.95
C ASP G 275 37.46 -18.68 41.69
N VAL H 3 23.31 -18.07 -3.95
CA VAL H 3 23.08 -16.79 -3.28
C VAL H 3 24.19 -16.51 -2.26
N ALA H 4 24.60 -15.24 -2.21
CA ALA H 4 25.72 -14.85 -1.38
C ALA H 4 25.47 -15.13 0.11
N ARG H 5 26.54 -15.47 0.80
CA ARG H 5 26.49 -15.74 2.22
C ARG H 5 27.30 -14.68 2.95
N PRO H 6 26.76 -14.10 4.02
CA PRO H 6 27.46 -13.03 4.71
C PRO H 6 28.53 -13.57 5.63
N PRO H 7 29.56 -12.77 5.93
CA PRO H 7 30.65 -13.24 6.78
C PRO H 7 30.29 -13.20 8.25
N LYS H 8 30.80 -14.18 8.99
CA LYS H 8 30.89 -14.06 10.45
C LYS H 8 32.26 -13.50 10.78
N VAL H 9 32.34 -12.77 11.90
CA VAL H 9 33.56 -12.03 12.24
C VAL H 9 33.85 -12.21 13.72
N GLN H 10 35.07 -12.64 14.06
CA GLN H 10 35.55 -12.63 15.43
C GLN H 10 36.85 -11.83 15.49
N VAL H 11 36.96 -10.98 16.50
CA VAL H 11 38.17 -10.21 16.78
C VAL H 11 38.66 -10.60 18.16
N TYR H 12 39.94 -10.94 18.28
CA TYR H 12 40.45 -11.55 19.50
C TYR H 12 41.98 -11.54 19.45
N SER H 13 42.60 -11.71 20.62
CA SER H 13 44.05 -11.76 20.70
C SER H 13 44.54 -13.20 20.74
N ARG H 14 45.81 -13.38 20.36
CA ARG H 14 46.38 -14.73 20.38
C ARG H 14 46.53 -15.23 21.81
N HIS H 15 46.93 -14.37 22.72
CA HIS H 15 47.04 -14.71 24.13
C HIS H 15 46.15 -13.79 24.94
N PRO H 16 45.76 -14.20 26.15
CA PRO H 16 45.05 -13.27 27.04
C PRO H 16 45.80 -11.95 27.15
N ALA H 17 45.06 -10.85 26.99
CA ALA H 17 45.67 -9.54 26.88
C ALA H 17 46.10 -9.04 28.25
N GLU H 18 47.31 -8.51 28.31
CA GLU H 18 47.88 -7.91 29.50
C GLU H 18 48.48 -6.59 29.07
N ASN H 19 48.02 -5.50 29.66
CA ASN H 19 48.49 -4.17 29.26
C ASN H 19 50.00 -4.08 29.31
N GLY H 20 50.59 -3.62 28.22
CA GLY H 20 52.02 -3.46 28.11
C GLY H 20 52.77 -4.69 27.65
N LYS H 21 52.09 -5.81 27.42
CA LYS H 21 52.75 -7.03 26.97
C LYS H 21 52.48 -7.26 25.50
N PRO H 22 53.53 -7.48 24.70
CA PRO H 22 53.33 -7.73 23.26
C PRO H 22 52.45 -8.94 23.00
N ASN H 23 51.58 -8.81 22.01
CA ASN H 23 50.55 -9.80 21.72
C ASN H 23 50.28 -9.80 20.22
N TYR H 24 49.29 -10.55 19.79
CA TYR H 24 48.86 -10.55 18.40
C TYR H 24 47.36 -10.31 18.34
N LEU H 25 46.95 -9.43 17.43
CA LEU H 25 45.54 -9.13 17.20
C LEU H 25 45.06 -9.87 15.96
N ASN H 26 43.95 -10.58 16.09
CA ASN H 26 43.38 -11.42 15.03
C ASN H 26 41.97 -10.96 14.67
N CYS H 27 41.68 -10.95 13.37
CA CYS H 27 40.31 -10.83 12.90
C CYS H 27 40.04 -12.03 11.99
N TYR H 28 39.21 -12.95 12.48
CA TYR H 28 38.87 -14.16 11.74
C TYR H 28 37.49 -13.98 11.11
N VAL H 29 37.44 -14.11 9.79
CA VAL H 29 36.24 -13.86 9.01
C VAL H 29 35.92 -15.13 8.21
N SER H 30 34.70 -15.64 8.35
CA SER H 30 34.41 -16.98 7.83
C SER H 30 32.97 -17.06 7.33
N GLY H 31 32.69 -18.09 6.54
CA GLY H 31 31.34 -18.39 6.10
C GLY H 31 30.80 -17.55 4.97
N PHE H 32 31.62 -16.74 4.32
CA PHE H 32 31.12 -15.82 3.30
C PHE H 32 31.33 -16.39 1.89
N HIS H 33 30.60 -15.81 0.94
CA HIS H 33 30.62 -16.17 -0.47
C HIS H 33 29.85 -15.07 -1.21
N PRO H 34 30.39 -14.49 -2.30
CA PRO H 34 31.63 -14.77 -3.02
C PRO H 34 32.89 -14.35 -2.23
N PRO H 35 34.10 -14.69 -2.72
CA PRO H 35 35.30 -14.46 -1.92
C PRO H 35 35.79 -13.02 -1.87
N GLN H 36 35.31 -12.13 -2.76
CA GLN H 36 35.75 -10.74 -2.72
C GLN H 36 35.33 -10.08 -1.40
N ILE H 37 36.30 -9.57 -0.65
CA ILE H 37 36.02 -9.06 0.70
C ILE H 37 37.14 -8.09 1.07
N GLU H 38 36.83 -7.13 1.92
CA GLU H 38 37.83 -6.22 2.47
C GLU H 38 37.77 -6.31 3.98
N ILE H 39 38.85 -6.80 4.60
CA ILE H 39 38.94 -7.00 6.03
C ILE H 39 40.08 -6.14 6.56
N ASP H 40 39.76 -5.18 7.43
CA ASP H 40 40.77 -4.28 7.97
C ASP H 40 40.75 -4.32 9.49
N LEU H 41 41.93 -4.48 10.10
CA LEU H 41 42.10 -4.26 11.52
C LEU H 41 42.35 -2.77 11.72
N LEU H 42 41.63 -2.17 12.67
CA LEU H 42 41.71 -0.74 12.93
C LEU H 42 42.25 -0.50 14.34
N LYS H 43 43.14 0.48 14.46
CA LYS H 43 43.61 0.97 15.75
C LYS H 43 43.09 2.40 15.89
N ASN H 44 42.23 2.61 16.89
CA ASN H 44 41.58 3.92 17.07
C ASN H 44 40.98 4.41 15.75
N GLY H 45 40.35 3.50 15.01
CA GLY H 45 39.70 3.85 13.77
C GLY H 45 40.58 3.91 12.54
N GLU H 46 41.89 3.77 12.68
CA GLU H 46 42.83 3.89 11.56
C GLU H 46 43.29 2.51 11.09
N LYS H 47 43.36 2.33 9.77
CA LYS H 47 43.73 1.03 9.23
C LYS H 47 45.16 0.66 9.63
N MET H 48 45.30 -0.54 10.20
CA MET H 48 46.60 -1.12 10.49
C MET H 48 47.09 -1.88 9.27
N ASN H 49 48.40 -1.92 9.08
CA ASN H 49 48.95 -2.69 7.96
C ASN H 49 49.09 -4.16 8.36
N ALA H 50 47.94 -4.82 8.51
CA ALA H 50 47.90 -6.21 8.97
C ALA H 50 47.99 -7.20 7.80
N GLU H 51 48.54 -8.38 8.10
CA GLU H 51 48.73 -9.45 7.13
C GLU H 51 47.43 -10.23 6.95
N GLN H 52 47.25 -10.79 5.76
CA GLN H 52 46.09 -11.64 5.51
C GLN H 52 46.51 -13.01 5.00
N SER H 53 45.86 -14.04 5.52
CA SER H 53 46.10 -15.43 5.17
C SER H 53 45.68 -15.71 3.72
N ASP H 54 46.08 -16.89 3.24
CA ASP H 54 45.71 -17.34 1.90
C ASP H 54 44.25 -17.77 1.84
N LEU H 55 43.58 -17.40 0.76
CA LEU H 55 42.18 -17.72 0.58
C LEU H 55 41.95 -19.22 0.64
N SER H 56 41.12 -19.66 1.58
CA SER H 56 40.75 -21.05 1.68
C SER H 56 39.25 -21.13 1.95
N PHE H 57 38.73 -22.35 2.01
CA PHE H 57 37.31 -22.49 2.24
C PHE H 57 36.99 -23.82 2.90
N SER H 58 35.77 -23.89 3.42
CA SER H 58 35.26 -25.00 4.21
C SER H 58 34.51 -25.98 3.32
N LYS H 59 34.04 -27.05 3.93
CA LYS H 59 33.36 -28.11 3.19
C LYS H 59 32.05 -27.65 2.58
N ASP H 60 31.43 -26.59 3.11
CA ASP H 60 30.23 -26.04 2.47
C ASP H 60 30.57 -24.99 1.41
N TRP H 61 31.83 -24.87 1.01
CA TRP H 61 32.37 -23.97 -0.02
C TRP H 61 32.55 -22.54 0.50
N SER H 62 32.14 -22.22 1.72
CA SER H 62 32.27 -20.84 2.19
C SER H 62 33.72 -20.53 2.58
N PHE H 63 34.12 -19.29 2.38
CA PHE H 63 35.51 -18.88 2.53
C PHE H 63 35.83 -18.45 3.95
N TYR H 64 37.10 -18.56 4.32
CA TYR H 64 37.56 -18.00 5.57
C TYR H 64 38.92 -17.38 5.36
N LEU H 65 39.18 -16.32 6.14
CA LEU H 65 40.40 -15.54 6.09
C LEU H 65 40.77 -15.11 7.50
N LEU H 66 42.07 -15.06 7.79
CA LEU H 66 42.59 -14.49 9.02
C LEU H 66 43.43 -13.26 8.70
N VAL H 67 43.06 -12.12 9.30
CA VAL H 67 43.84 -10.89 9.22
C VAL H 67 44.45 -10.65 10.59
N HIS H 68 45.74 -10.35 10.64
CA HIS H 68 46.41 -10.40 11.94
C HIS H 68 47.65 -9.52 11.95
N THR H 69 47.97 -8.99 13.13
CA THR H 69 49.16 -8.15 13.25
C THR H 69 49.63 -8.17 14.70
N GLU H 70 50.87 -7.74 14.90
CA GLU H 70 51.35 -7.57 16.27
C GLU H 70 50.70 -6.34 16.89
N PHE H 71 50.47 -6.41 18.21
CA PHE H 71 50.03 -5.23 18.93
C PHE H 71 50.35 -5.42 20.40
N THR H 72 50.47 -4.29 21.10
CA THR H 72 50.68 -4.27 22.55
C THR H 72 49.50 -3.57 23.18
N PRO H 73 48.56 -4.30 23.77
CA PRO H 73 47.39 -3.65 24.35
C PRO H 73 47.77 -2.75 25.51
N ASN H 74 46.92 -1.75 25.75
CA ASN H 74 47.00 -0.89 26.91
C ASN H 74 45.58 -0.49 27.28
N ALA H 75 45.46 0.52 28.15
CA ALA H 75 44.16 0.98 28.58
C ALA H 75 43.60 2.11 27.72
N VAL H 76 44.38 2.66 26.79
CA VAL H 76 43.93 3.78 25.97
C VAL H 76 43.49 3.32 24.57
N ASP H 77 44.31 2.54 23.88
CA ASP H 77 44.06 2.24 22.48
C ASP H 77 42.83 1.35 22.29
N GLN H 78 42.03 1.68 21.29
CA GLN H 78 40.88 0.88 20.91
C GLN H 78 41.15 0.16 19.60
N TYR H 79 40.74 -1.11 19.53
CA TYR H 79 40.95 -1.90 18.32
C TYR H 79 39.62 -2.46 17.83
N SER H 80 39.51 -2.61 16.51
CA SER H 80 38.29 -3.12 15.92
C SER H 80 38.64 -3.76 14.58
N CYS H 81 37.68 -4.47 14.02
CA CYS H 81 37.84 -5.05 12.70
C CYS H 81 36.68 -4.59 11.83
N ARG H 82 36.99 -4.11 10.62
CA ARG H 82 35.99 -3.59 9.71
C ARG H 82 35.92 -4.48 8.47
N VAL H 83 34.71 -4.90 8.09
CA VAL H 83 34.53 -5.87 7.02
C VAL H 83 33.57 -5.31 5.98
N LYS H 84 33.96 -5.33 4.72
CA LYS H 84 33.12 -4.92 3.60
C LYS H 84 32.90 -6.10 2.69
N HIS H 85 31.64 -6.35 2.33
CA HIS H 85 31.29 -7.52 1.52
C HIS H 85 29.96 -7.20 0.83
N VAL H 86 29.75 -7.82 -0.33
CA VAL H 86 28.54 -7.57 -1.12
C VAL H 86 27.26 -7.80 -0.31
N THR H 87 27.32 -8.71 0.67
CA THR H 87 26.13 -8.99 1.48
C THR H 87 25.83 -7.89 2.49
N LEU H 88 26.76 -6.96 2.72
CA LEU H 88 26.66 -5.97 3.78
C LEU H 88 26.37 -4.61 3.15
N ASP H 89 25.23 -4.01 3.48
CA ASP H 89 24.94 -2.74 2.83
C ASP H 89 25.78 -1.60 3.40
N LYS H 90 26.27 -1.73 4.62
CA LYS H 90 27.33 -0.87 5.12
C LYS H 90 28.39 -1.75 5.77
N PRO H 91 29.59 -1.21 6.03
CA PRO H 91 30.64 -2.03 6.63
C PRO H 91 30.24 -2.59 8.00
N LYS H 92 30.64 -3.83 8.24
CA LYS H 92 30.44 -4.48 9.54
C LYS H 92 31.65 -4.18 10.44
N ILE H 93 31.40 -3.63 11.62
CA ILE H 93 32.45 -3.28 12.58
C ILE H 93 32.26 -4.12 13.83
N VAL H 94 33.30 -4.85 14.23
CA VAL H 94 33.31 -5.57 15.50
C VAL H 94 34.43 -4.99 16.33
N LYS H 95 34.11 -4.51 17.53
CA LYS H 95 35.13 -3.99 18.43
C LYS H 95 35.82 -5.13 19.15
N TRP H 96 37.14 -5.00 19.36
CA TRP H 96 37.88 -5.96 20.16
C TRP H 96 37.68 -5.67 21.64
N ASP H 97 37.52 -6.73 22.43
CA ASP H 97 37.66 -6.58 23.87
C ASP H 97 38.23 -7.87 24.44
N ARG H 98 38.98 -7.72 25.53
CA ARG H 98 39.74 -8.88 26.00
C ARG H 98 38.87 -9.93 26.67
N ASP H 99 37.56 -9.75 26.73
CA ASP H 99 36.67 -10.74 27.31
C ASP H 99 36.07 -11.69 26.29
N HIS H 100 36.36 -11.50 25.01
CA HIS H 100 35.82 -12.35 23.95
C HIS H 100 36.95 -12.75 22.99
N ALA I 1 51.24 -33.77 -2.83
CA ALA I 1 51.50 -33.43 -4.24
C ALA I 1 50.19 -33.29 -5.00
N THR I 2 50.06 -32.25 -5.83
CA THR I 2 48.77 -31.98 -6.47
C THR I 2 48.53 -32.90 -7.67
N GLU I 3 47.26 -33.00 -8.08
CA GLU I 3 46.92 -33.79 -9.26
C GLU I 3 47.45 -33.09 -10.50
N ILE I 4 47.76 -33.86 -11.53
CA ILE I 4 48.67 -33.39 -12.58
C ILE I 4 48.00 -32.34 -13.45
N ARG I 5 46.79 -32.62 -13.95
CA ARG I 5 46.09 -31.70 -14.84
C ARG I 5 44.71 -32.23 -15.21
N GLU I 6 43.67 -31.49 -14.89
CA GLU I 6 42.33 -31.97 -15.19
C GLU I 6 41.85 -31.45 -16.54
N LEU I 7 40.82 -32.11 -17.06
CA LEU I 7 40.18 -31.66 -18.28
C LEU I 7 39.23 -30.52 -17.99
N LEU I 8 38.99 -29.72 -19.02
CA LEU I 8 38.08 -28.58 -18.92
C LEU I 8 36.69 -29.02 -18.49
N VAL I 9 36.05 -28.17 -17.70
CA VAL I 9 34.64 -28.28 -17.37
C VAL I 9 33.78 -28.16 -18.65
#